data_1UPN
#
_entry.id   1UPN
#
_cell.length_a   1.000
_cell.length_b   1.000
_cell.length_c   1.000
_cell.angle_alpha   90.00
_cell.angle_beta   90.00
_cell.angle_gamma   90.00
#
_symmetry.space_group_name_H-M   'P 1'
#
loop_
_entity.id
_entity.type
_entity.pdbx_description
1 polymer 'ECHOVIRUS 11 COAT PROTEIN VP1'
2 polymer 'ECHOVIRUS 11 COAT PROTEIN VP2'
3 polymer 'ECHOVIRUS 11 COAT PROTEIN VP3'
4 polymer 'ECHOVIRUS 11 COAT PROTEIN VP4'
5 polymer 'COMPLEMENT DECAY-ACCELERATING FACTOR'
#
loop_
_entity_poly.entity_id
_entity_poly.type
_entity_poly.pdbx_seq_one_letter_code
_entity_poly.pdbx_strand_id
1 'polypeptide(L)'
;GDVVEAVENAVARVADTIGSGPSNSQAVPALTAVETGHTSQVTPSDTVQTRHVKNYHSRSESSIENFLSRSACVYMGEYH
TTNSDQTKLFASWTISARRMVQMRRKLEIFTYVRFDVEVTFVITSKQDQGTQLGQDMPPLTHQIMYIPPGGPIPKSVTDY
TWQTSTNPSIFWTEGNAPPRMSIPFISIGNAYSNFYDGWSHFSQNGVYGYNTLNHMGQIYVRHVNGSSPLPMTSTVRMYF
KPKHVKAWVPRPPRLCQYKNASTVNFSPTDITDKRNSITYIPDTVKPDVSNH
;
A
2 'polypeptide(L)'
;SPSAEECGYSDRVRSITLGNSTITTQESANVVVGYGRWPEYLRDDEATAEDQPTQPDVATCRFYTLESVTWEKDSPGWWW
KFPDALKDMGLFGQNMYYHYLGRAGYTIHVQCNASKFHQGCLLVVCVPEAEMGCSTVDGTVNEHGLSEGETAKKFSATGT
NGTNTVQSIVTNAGMGVGVGNLTIFPHQWINLRTNNCATIVMPYINNVPMDNMFRHHNFTLMIIPFVPLNYSSDFSTYVP
ITVTVAPMCAEYNGLRLSTALQ
;
B
3 'polypeptide(L)'
;GLPVINTPGSNQFLTSDDFQSPSAMPQFDVTPELNIPGEVQNLMEIAEVDSVVPVNNVAGNLETMDIYRIPVQSGNHQSS
QVFGFQVQPGLDGVFKHTLLGEILNYYAHWSGSIKLTFVFCGSAMATGKFLLAYAPPGANAPKSRKDAMLGTHIIWDVGL
QSSCVLCIPWISQTHYRLVQQDEYTSAGNVTCWYQTGIVVPAGTPTSCSIMCFVSACNDFSVRLLKDTPFIQQAALLQ
;
C
4 'polypeptide(L)' MGAQVSTQKTGAHETGLRASGNSIIHYTNINYYKDAASNSANRQDFTQDPGKFTEPVKDIMVKSLPALN D
5 'polypeptide(L)'
;FCKKKSCPNPGEIRNGQIDVPGGILFGATISFSCNTGYKLFGSTSSFCLISGSSVQWSDPLPECREIYCPAPPQIDNGII
QGERDHYGYRQSVTYACNKGFTMIGEHSIYCTVNNDEGEWSGPPPECRG
;
E
#
# COMPACT_ATOMS: atom_id res chain seq x y z
N GLY A 1 -19.41 18.74 -6.11
CA GLY A 1 -19.43 19.62 -7.34
C GLY A 1 -18.99 18.93 -8.62
N ASP A 2 -18.76 19.74 -9.67
CA ASP A 2 -18.32 19.31 -11.02
C ASP A 2 -16.75 19.29 -11.05
N VAL A 3 -16.12 18.09 -11.10
CA VAL A 3 -14.64 17.95 -11.15
C VAL A 3 -14.06 17.99 -12.61
N VAL A 4 -14.32 19.13 -13.28
CA VAL A 4 -13.90 19.44 -14.66
C VAL A 4 -13.66 20.98 -14.79
N GLU A 5 -14.16 21.72 -13.79
CA GLU A 5 -14.11 23.22 -13.66
C GLU A 5 -12.85 23.83 -12.96
N ALA A 6 -12.25 24.85 -13.59
CA ALA A 6 -11.06 25.56 -13.08
C ALA A 6 -11.29 26.73 -12.08
N VAL A 7 -12.17 26.51 -11.09
CA VAL A 7 -12.60 27.50 -10.04
C VAL A 7 -13.65 26.80 -9.07
N GLU A 8 -13.60 27.08 -7.75
CA GLU A 8 -14.55 26.51 -6.72
C GLU A 8 -14.21 26.80 -5.19
N ASN A 9 -14.77 27.89 -4.61
CA ASN A 9 -14.54 28.34 -3.18
C ASN A 9 -14.55 27.33 -2.00
N ALA A 10 -14.48 27.88 -0.77
CA ALA A 10 -14.48 27.10 0.50
C ALA A 10 -13.10 26.81 1.11
N VAL A 11 -12.88 27.23 2.35
CA VAL A 11 -11.61 26.99 3.03
C VAL A 11 -11.60 25.61 3.70
N ALA A 12 -10.49 24.89 3.57
CA ALA A 12 -10.38 23.56 4.14
C ALA A 12 -9.78 23.58 5.57
N ARG A 13 -10.46 24.27 6.49
CA ARG A 13 -9.99 24.38 7.88
C ARG A 13 -9.97 23.09 8.70
N VAL A 14 -8.92 22.90 9.51
CA VAL A 14 -8.87 21.73 10.36
C VAL A 14 -9.73 22.07 11.59
N ALA A 15 -9.84 21.14 12.54
CA ALA A 15 -10.66 21.34 13.72
C ALA A 15 -10.04 22.19 14.84
N ASP A 16 -10.91 22.96 15.49
CA ASP A 16 -10.50 23.81 16.60
C ASP A 16 -10.30 22.87 17.77
N THR A 17 -9.49 23.30 18.73
CA THR A 17 -9.29 22.49 19.92
C THR A 17 -10.31 23.00 20.93
N ILE A 18 -11.25 22.14 21.29
CA ILE A 18 -12.26 22.55 22.24
C ILE A 18 -11.66 22.64 23.64
N GLY A 19 -11.98 23.71 24.37
CA GLY A 19 -11.48 23.85 25.72
C GLY A 19 -12.04 22.77 26.62
N SER A 20 -11.18 22.11 27.39
CA SER A 20 -11.59 21.02 28.26
C SER A 20 -11.05 21.11 29.68
N GLY A 21 -11.93 20.80 30.63
CA GLY A 21 -11.56 20.82 32.03
C GLY A 21 -11.48 19.41 32.64
N PRO A 22 -11.46 19.31 34.00
CA PRO A 22 -11.39 18.06 34.78
C PRO A 22 -12.64 17.16 34.67
N SER A 23 -12.48 15.84 34.75
CA SER A 23 -13.63 14.93 34.66
C SER A 23 -13.51 13.66 35.50
N ASN A 24 -14.64 13.27 36.07
CA ASN A 24 -14.76 12.05 36.89
C ASN A 24 -16.13 11.45 36.56
N SER A 25 -16.12 10.47 35.65
CA SER A 25 -17.34 9.79 35.19
C SER A 25 -17.13 8.37 34.67
N GLN A 26 -18.14 7.89 33.95
CA GLN A 26 -18.11 6.56 33.35
C GLN A 26 -17.68 6.65 31.87
N ALA A 27 -17.58 7.90 31.36
CA ALA A 27 -17.11 8.20 30.00
C ALA A 27 -15.71 7.59 29.93
N VAL A 28 -15.46 6.89 28.85
CA VAL A 28 -14.19 6.22 28.76
C VAL A 28 -13.83 6.23 27.24
N PRO A 29 -13.64 7.47 26.69
CA PRO A 29 -13.31 7.73 25.28
C PRO A 29 -11.95 7.16 24.88
N ALA A 30 -11.03 7.13 25.85
CA ALA A 30 -9.67 6.62 25.62
C ALA A 30 -9.58 5.09 25.59
N LEU A 31 -10.70 4.40 25.83
CA LEU A 31 -10.78 2.93 25.81
C LEU A 31 -11.73 2.50 24.69
N THR A 32 -11.19 1.89 23.62
CA THR A 32 -11.98 1.43 22.47
C THR A 32 -11.60 -0.01 22.16
N ALA A 33 -12.17 -0.55 21.09
CA ALA A 33 -11.89 -1.92 20.68
C ALA A 33 -11.47 -1.86 19.22
N VAL A 34 -10.18 -1.88 19.01
CA VAL A 34 -9.58 -1.82 17.70
C VAL A 34 -10.00 -3.01 16.77
N GLU A 35 -10.49 -4.09 17.37
CA GLU A 35 -10.91 -5.29 16.61
C GLU A 35 -12.04 -5.07 15.61
N THR A 36 -12.88 -4.09 15.95
CA THR A 36 -14.02 -3.72 15.12
C THR A 36 -13.59 -3.22 13.75
N GLY A 37 -12.34 -2.78 13.62
CA GLY A 37 -11.83 -2.27 12.36
C GLY A 37 -12.10 -0.77 12.18
N HIS A 38 -12.47 -0.13 13.29
CA HIS A 38 -12.79 1.31 13.39
C HIS A 38 -11.56 2.04 13.99
N THR A 39 -11.24 3.23 13.45
CA THR A 39 -10.11 4.03 13.97
C THR A 39 -10.71 5.00 14.97
N SER A 40 -10.17 5.03 16.19
CA SER A 40 -10.66 5.92 17.26
C SER A 40 -10.71 7.38 16.85
N GLN A 41 -11.77 8.08 17.30
CA GLN A 41 -11.94 9.51 17.00
C GLN A 41 -11.58 10.49 18.15
N VAL A 42 -10.75 10.01 19.07
CA VAL A 42 -10.28 10.77 20.21
C VAL A 42 -9.44 12.00 19.76
N THR A 43 -9.63 13.13 20.44
CA THR A 43 -8.85 14.35 20.20
C THR A 43 -8.24 14.72 21.53
N PRO A 44 -7.20 15.58 21.53
CA PRO A 44 -6.57 15.93 22.81
C PRO A 44 -7.54 16.23 23.95
N SER A 45 -8.60 16.96 23.64
CA SER A 45 -9.53 17.30 24.70
C SER A 45 -10.21 16.12 25.42
N ASP A 46 -10.13 14.92 24.87
CA ASP A 46 -10.74 13.76 25.52
C ASP A 46 -9.82 13.14 26.59
N THR A 47 -8.51 13.42 26.53
CA THR A 47 -7.58 12.81 27.47
C THR A 47 -6.73 13.74 28.35
N VAL A 48 -6.65 15.03 28.02
CA VAL A 48 -5.91 16.00 28.86
C VAL A 48 -6.74 17.27 28.89
N GLN A 49 -6.45 18.19 29.81
CA GLN A 49 -7.18 19.44 29.88
C GLN A 49 -6.57 20.30 28.80
N THR A 50 -7.41 20.83 27.92
CA THR A 50 -6.91 21.66 26.84
C THR A 50 -7.48 23.04 26.90
N ARG A 51 -6.77 23.99 26.30
CA ARG A 51 -7.26 25.36 26.21
C ARG A 51 -8.05 25.35 24.91
N HIS A 52 -8.67 26.46 24.57
CA HIS A 52 -9.40 26.56 23.31
C HIS A 52 -8.40 27.16 22.31
N VAL A 53 -8.40 26.64 21.10
CA VAL A 53 -7.50 27.18 20.10
C VAL A 53 -8.33 27.35 18.83
N LYS A 54 -8.31 28.55 18.24
CA LYS A 54 -9.03 28.78 16.99
C LYS A 54 -7.94 28.44 15.98
N ASN A 55 -8.12 27.30 15.32
CA ASN A 55 -7.15 26.82 14.36
C ASN A 55 -7.51 27.20 12.93
N TYR A 56 -6.61 27.91 12.26
CA TYR A 56 -6.82 28.35 10.87
C TYR A 56 -6.14 27.46 9.82
N HIS A 57 -5.36 26.46 10.26
CA HIS A 57 -4.66 25.56 9.35
C HIS A 57 -5.61 24.90 8.32
N SER A 58 -5.23 24.89 7.04
CA SER A 58 -6.05 24.29 5.98
C SER A 58 -5.29 23.12 5.31
N ARG A 59 -6.07 22.17 4.77
CA ARG A 59 -5.51 21.00 4.10
C ARG A 59 -5.50 21.16 2.57
N SER A 60 -5.44 22.40 2.11
CA SER A 60 -5.43 22.68 0.69
C SER A 60 -4.35 21.91 -0.12
N GLU A 61 -3.12 21.90 0.33
CA GLU A 61 -2.08 21.23 -0.44
C GLU A 61 -2.09 19.71 -0.41
N SER A 62 -3.01 19.09 0.33
CA SER A 62 -3.04 17.63 0.34
C SER A 62 -4.30 17.05 -0.33
N SER A 63 -4.96 17.91 -1.10
CA SER A 63 -6.14 17.54 -1.85
C SER A 63 -5.60 16.70 -3.01
N ILE A 64 -6.33 15.71 -3.43
CA ILE A 64 -5.78 14.89 -4.50
C ILE A 64 -5.35 15.67 -5.72
N GLU A 65 -6.08 16.73 -6.04
CA GLU A 65 -5.72 17.51 -7.23
C GLU A 65 -4.36 18.16 -7.02
N ASN A 66 -4.13 18.77 -5.88
CA ASN A 66 -2.85 19.43 -5.72
C ASN A 66 -1.70 18.52 -5.49
N PHE A 67 -1.98 17.27 -5.19
CA PHE A 67 -0.93 16.31 -4.94
C PHE A 67 -0.38 15.72 -6.24
N LEU A 68 -1.28 15.49 -7.21
CA LEU A 68 -0.89 14.90 -8.48
C LEU A 68 -0.61 15.91 -9.59
N SER A 69 -1.25 17.06 -9.51
CA SER A 69 -1.14 18.08 -10.54
C SER A 69 0.15 18.89 -10.63
N ARG A 70 1.25 18.20 -10.92
CA ARG A 70 2.54 18.84 -11.11
C ARG A 70 3.19 17.95 -12.14
N SER A 71 3.68 18.57 -13.22
CA SER A 71 4.32 17.88 -14.30
C SER A 71 5.45 17.05 -13.75
N ALA A 72 5.55 15.80 -14.24
CA ALA A 72 6.56 14.80 -13.85
C ALA A 72 7.14 14.12 -15.10
N CYS A 73 8.44 13.89 -15.13
CA CYS A 73 9.05 13.24 -16.30
C CYS A 73 8.60 11.80 -16.32
N VAL A 74 8.01 11.34 -17.40
CA VAL A 74 7.57 9.96 -17.39
C VAL A 74 8.29 9.16 -18.44
N TYR A 75 9.19 9.85 -19.13
CA TYR A 75 9.95 9.20 -20.17
C TYR A 75 11.01 10.09 -20.85
N MET A 76 12.10 9.50 -21.33
CA MET A 76 13.14 10.24 -22.06
C MET A 76 13.85 9.30 -23.02
N GLY A 77 14.15 9.79 -24.22
CA GLY A 77 14.82 8.99 -25.22
C GLY A 77 15.62 9.84 -26.21
N GLU A 78 16.49 9.20 -26.98
CA GLU A 78 17.32 9.94 -27.93
C GLU A 78 17.13 9.52 -29.36
N TYR A 79 17.54 10.38 -30.28
CA TYR A 79 17.45 10.07 -31.69
C TYR A 79 18.47 10.97 -32.33
N HIS A 80 19.06 10.49 -33.43
CA HIS A 80 20.09 11.23 -34.13
C HIS A 80 19.66 11.86 -35.40
N THR A 81 20.40 12.89 -35.72
CA THR A 81 20.14 13.67 -36.90
C THR A 81 20.63 12.85 -38.05
N THR A 82 21.75 12.19 -37.84
CA THR A 82 22.33 11.42 -38.91
C THR A 82 23.02 10.20 -38.40
N ASN A 83 22.79 9.09 -39.08
CA ASN A 83 23.40 7.84 -38.69
C ASN A 83 23.16 6.78 -39.74
N SER A 84 23.89 5.69 -39.62
CA SER A 84 23.80 4.59 -40.56
C SER A 84 22.69 3.63 -40.17
N ASP A 85 22.27 3.70 -38.91
CA ASP A 85 21.26 2.79 -38.40
C ASP A 85 19.79 3.02 -38.77
N GLN A 86 19.44 4.13 -39.41
CA GLN A 86 18.02 4.38 -39.76
C GLN A 86 17.11 4.40 -38.52
N THR A 87 17.23 3.37 -37.71
CA THR A 87 16.47 3.21 -36.47
C THR A 87 16.80 4.29 -35.49
N LYS A 88 18.08 4.65 -35.44
CA LYS A 88 18.53 5.64 -34.52
C LYS A 88 18.17 7.06 -34.97
N LEU A 89 17.42 7.15 -36.06
CA LEU A 89 17.01 8.45 -36.60
C LEU A 89 15.69 8.95 -36.03
N PHE A 90 15.05 8.15 -35.21
CA PHE A 90 13.82 8.57 -34.59
C PHE A 90 13.60 7.76 -33.33
N ALA A 91 12.84 8.34 -32.42
CA ALA A 91 12.56 7.72 -31.14
C ALA A 91 11.10 7.25 -31.09
N SER A 92 10.83 6.26 -30.25
CA SER A 92 9.47 5.74 -30.13
C SER A 92 9.28 4.93 -28.85
N TRP A 93 8.15 5.10 -28.17
CA TRP A 93 7.88 4.31 -27.00
C TRP A 93 6.39 4.04 -26.94
N THR A 94 5.99 3.35 -25.91
CA THR A 94 4.60 2.98 -25.71
C THR A 94 4.15 3.71 -24.46
N ILE A 95 3.12 4.52 -24.63
CA ILE A 95 2.65 5.33 -23.54
C ILE A 95 2.28 4.57 -22.28
N SER A 96 2.83 5.04 -21.15
CA SER A 96 2.57 4.47 -19.84
C SER A 96 3.28 5.36 -18.84
N ALA A 97 2.91 5.27 -17.56
CA ALA A 97 3.57 6.08 -16.55
C ALA A 97 4.37 5.14 -15.66
N ARG A 98 4.74 4.01 -16.23
CA ARG A 98 5.44 3.03 -15.45
C ARG A 98 6.92 2.98 -15.62
N ARG A 99 7.53 3.93 -16.33
CA ARG A 99 8.96 3.81 -16.49
C ARG A 99 9.79 4.75 -15.61
N MET A 100 9.17 5.69 -14.92
CA MET A 100 9.92 6.60 -14.04
C MET A 100 9.18 6.45 -12.72
N VAL A 101 9.92 6.14 -11.67
CA VAL A 101 9.33 5.85 -10.39
C VAL A 101 8.60 6.91 -9.61
N GLN A 102 9.17 8.10 -9.52
CA GLN A 102 8.52 9.11 -8.73
C GLN A 102 7.02 9.18 -9.04
N MET A 103 6.68 9.42 -10.31
CA MET A 103 5.30 9.54 -10.80
C MET A 103 4.54 8.27 -10.56
N ARG A 104 5.19 7.16 -10.87
CA ARG A 104 4.55 5.89 -10.69
C ARG A 104 4.14 5.67 -9.22
N ARG A 105 5.04 5.86 -8.25
CA ARG A 105 4.65 5.62 -6.87
C ARG A 105 3.52 6.55 -6.46
N LYS A 106 3.50 7.79 -6.97
CA LYS A 106 2.42 8.74 -6.63
C LYS A 106 1.09 8.16 -7.11
N LEU A 107 1.00 7.81 -8.40
CA LEU A 107 -0.26 7.25 -8.89
C LEU A 107 -0.68 5.96 -8.16
N GLU A 108 0.28 5.08 -7.93
CA GLU A 108 -0.01 3.80 -7.31
C GLU A 108 -0.50 3.84 -5.89
N ILE A 109 -0.73 5.03 -5.39
CA ILE A 109 -1.26 5.14 -4.04
C ILE A 109 -2.75 4.89 -4.13
N PHE A 110 -3.29 5.01 -5.34
CA PHE A 110 -4.70 4.79 -5.58
C PHE A 110 -4.88 3.60 -6.51
N THR A 111 -5.94 2.81 -6.32
CA THR A 111 -6.17 1.67 -7.19
C THR A 111 -6.70 2.13 -8.55
N TYR A 112 -7.64 3.08 -8.56
CA TYR A 112 -8.16 3.61 -9.81
C TYR A 112 -8.08 5.14 -9.86
N VAL A 113 -7.82 5.67 -11.03
CA VAL A 113 -7.77 7.10 -11.17
C VAL A 113 -8.38 7.49 -12.50
N ARG A 114 -8.96 8.69 -12.52
CA ARG A 114 -9.58 9.21 -13.72
C ARG A 114 -9.15 10.67 -13.85
N PHE A 115 -8.69 11.04 -15.05
CA PHE A 115 -8.25 12.39 -15.29
C PHE A 115 -7.82 12.76 -16.68
N ASP A 116 -7.81 14.07 -16.89
CA ASP A 116 -7.30 14.61 -18.13
C ASP A 116 -5.80 14.77 -17.84
N VAL A 117 -5.00 14.92 -18.90
CA VAL A 117 -3.55 15.05 -18.74
C VAL A 117 -2.98 16.16 -19.56
N GLU A 118 -2.16 16.99 -18.93
CA GLU A 118 -1.45 18.04 -19.63
C GLU A 118 -0.05 17.49 -19.92
N VAL A 119 0.22 17.25 -21.19
CA VAL A 119 1.53 16.76 -21.63
C VAL A 119 2.42 17.91 -22.11
N THR A 120 3.65 17.96 -21.59
CA THR A 120 4.62 19.01 -21.95
C THR A 120 5.87 18.25 -22.34
N PHE A 121 6.50 18.65 -23.44
CA PHE A 121 7.71 18.01 -23.94
C PHE A 121 8.90 18.94 -23.84
N VAL A 122 10.03 18.44 -23.35
CA VAL A 122 11.25 19.25 -23.33
C VAL A 122 12.25 18.53 -24.23
N ILE A 123 12.59 19.20 -25.33
CA ILE A 123 13.50 18.65 -26.33
C ILE A 123 14.77 19.44 -26.38
N THR A 124 15.90 18.74 -26.38
CA THR A 124 17.22 19.39 -26.44
C THR A 124 18.12 18.66 -27.41
N SER A 125 19.07 19.36 -28.00
CA SER A 125 19.98 18.71 -28.93
C SER A 125 21.39 19.11 -28.58
N LYS A 126 22.34 18.27 -28.91
CA LYS A 126 23.72 18.60 -28.61
C LYS A 126 24.45 18.20 -29.86
N GLN A 127 25.63 18.77 -30.09
CA GLN A 127 26.41 18.37 -31.25
C GLN A 127 27.29 17.24 -30.75
N ASP A 128 27.31 16.15 -31.49
CA ASP A 128 28.12 14.99 -31.12
C ASP A 128 29.59 15.36 -31.20
N GLN A 129 30.36 14.67 -30.36
CA GLN A 129 31.81 14.82 -30.26
C GLN A 129 32.52 14.26 -31.51
N GLY A 130 33.56 14.95 -31.97
CA GLY A 130 34.27 14.45 -33.16
C GLY A 130 35.51 15.29 -33.46
N THR A 131 36.26 14.89 -34.49
CA THR A 131 37.49 15.61 -34.84
C THR A 131 37.24 16.96 -35.50
N GLN A 132 36.30 16.97 -36.45
CA GLN A 132 35.92 18.20 -37.13
C GLN A 132 34.63 18.66 -36.47
N LEU A 133 34.59 19.90 -36.02
CA LEU A 133 33.39 20.32 -35.36
C LEU A 133 32.68 21.51 -35.98
N GLY A 134 33.28 22.09 -36.99
CA GLY A 134 32.68 23.25 -37.62
C GLY A 134 31.63 22.98 -38.68
N GLN A 135 30.44 23.54 -38.45
CA GLN A 135 29.30 23.48 -39.34
C GLN A 135 28.37 24.64 -38.98
N ASP A 136 27.34 24.87 -39.78
CA ASP A 136 26.41 25.97 -39.55
C ASP A 136 25.01 25.42 -39.82
N MET A 137 24.51 24.60 -38.92
CA MET A 137 23.20 23.98 -39.10
C MET A 137 22.06 24.91 -38.71
N PRO A 138 21.06 25.09 -39.60
CA PRO A 138 19.97 25.98 -39.21
C PRO A 138 19.24 25.36 -38.03
N PRO A 139 18.26 26.08 -37.51
CA PRO A 139 17.48 25.59 -36.36
C PRO A 139 16.82 24.25 -36.65
N LEU A 140 16.84 23.34 -35.67
CA LEU A 140 16.21 22.04 -35.82
C LEU A 140 14.71 22.10 -35.53
N THR A 141 13.93 21.48 -36.40
CA THR A 141 12.50 21.41 -36.23
C THR A 141 12.13 19.95 -36.04
N HIS A 142 11.41 19.64 -34.96
CA HIS A 142 11.04 18.26 -34.68
C HIS A 142 9.57 17.96 -34.97
N GLN A 143 9.22 16.68 -35.07
CA GLN A 143 7.84 16.28 -35.26
C GLN A 143 7.54 15.20 -34.24
N ILE A 144 6.51 15.39 -33.42
CA ILE A 144 6.12 14.41 -32.42
C ILE A 144 4.80 13.88 -32.97
N MET A 145 4.63 12.56 -33.08
CA MET A 145 3.38 12.01 -33.63
C MET A 145 2.83 10.90 -32.74
N TYR A 146 1.54 10.96 -32.47
CA TYR A 146 0.90 9.98 -31.61
C TYR A 146 0.17 8.91 -32.41
N ILE A 147 0.48 7.66 -32.17
CA ILE A 147 -0.18 6.64 -32.95
C ILE A 147 -1.08 5.77 -32.09
N PRO A 148 -2.38 6.03 -32.14
CA PRO A 148 -3.37 5.27 -31.37
C PRO A 148 -3.23 3.79 -31.76
N PRO A 149 -3.55 2.87 -30.84
CA PRO A 149 -3.40 1.47 -31.22
C PRO A 149 -4.11 1.05 -32.49
N GLY A 150 -3.34 0.54 -33.44
CA GLY A 150 -3.95 0.13 -34.68
C GLY A 150 -3.51 0.99 -35.85
N GLY A 151 -2.86 2.10 -35.58
CA GLY A 151 -2.45 2.91 -36.71
C GLY A 151 -1.16 2.42 -37.34
N PRO A 152 -0.93 2.76 -38.62
CA PRO A 152 0.30 2.35 -39.28
C PRO A 152 1.50 2.99 -38.56
N ILE A 153 2.54 2.18 -38.41
CA ILE A 153 3.77 2.54 -37.74
C ILE A 153 4.96 2.93 -38.66
N PRO A 154 5.62 4.08 -38.39
CA PRO A 154 6.75 4.52 -39.21
C PRO A 154 7.86 3.51 -39.26
N LYS A 155 8.45 3.33 -40.43
CA LYS A 155 9.57 2.42 -40.54
C LYS A 155 10.87 3.13 -40.87
N SER A 156 10.87 4.45 -41.02
CA SER A 156 12.10 5.18 -41.34
C SER A 156 11.76 6.62 -41.15
N VAL A 157 12.75 7.49 -41.10
CA VAL A 157 12.41 8.89 -40.90
C VAL A 157 11.67 9.47 -42.08
N THR A 158 11.59 8.74 -43.17
CA THR A 158 10.91 9.30 -44.34
C THR A 158 9.67 8.56 -44.85
N ASP A 159 9.16 7.67 -44.02
CA ASP A 159 7.97 6.85 -44.24
C ASP A 159 6.74 7.76 -44.56
N TYR A 160 5.82 7.31 -45.41
CA TYR A 160 4.62 8.11 -45.78
C TYR A 160 3.75 8.43 -44.55
N THR A 161 3.91 7.56 -43.57
CA THR A 161 3.18 7.58 -42.35
C THR A 161 3.21 8.92 -41.59
N TRP A 162 4.32 9.67 -41.75
CA TRP A 162 4.50 10.96 -41.08
C TRP A 162 3.64 12.06 -41.67
N GLN A 163 2.85 11.70 -42.68
CA GLN A 163 1.92 12.62 -43.31
C GLN A 163 0.84 13.07 -42.31
N THR A 164 0.64 12.32 -41.20
CA THR A 164 -0.38 12.55 -40.15
C THR A 164 -1.71 13.11 -40.60
N SER A 165 -2.26 12.60 -41.69
CA SER A 165 -3.54 13.15 -42.17
C SER A 165 -4.57 13.06 -41.05
N THR A 166 -4.33 12.13 -40.13
CA THR A 166 -5.25 11.91 -39.04
C THR A 166 -4.70 11.76 -37.64
N ASN A 167 -3.52 11.20 -37.52
CA ASN A 167 -2.92 11.09 -36.19
C ASN A 167 -2.65 12.52 -35.80
N PRO A 168 -2.66 12.80 -34.50
CA PRO A 168 -2.35 14.18 -34.16
C PRO A 168 -0.84 14.31 -34.08
N SER A 169 -0.27 15.39 -34.62
CA SER A 169 1.18 15.63 -34.54
C SER A 169 1.52 17.05 -34.06
N ILE A 170 2.75 17.23 -33.59
CA ILE A 170 3.17 18.56 -33.16
C ILE A 170 4.47 18.84 -33.85
N PHE A 171 4.55 19.99 -34.51
CA PHE A 171 5.79 20.37 -35.14
C PHE A 171 6.25 21.52 -34.27
N TRP A 172 7.54 21.50 -33.90
CA TRP A 172 8.12 22.51 -33.02
C TRP A 172 9.57 22.79 -33.38
N THR A 173 9.98 24.04 -33.24
CA THR A 173 11.35 24.43 -33.56
C THR A 173 12.10 24.83 -32.31
N GLU A 174 13.36 24.41 -32.22
CA GLU A 174 14.16 24.71 -31.03
C GLU A 174 14.28 26.19 -30.72
N GLY A 175 14.39 26.52 -29.44
CA GLY A 175 14.51 27.92 -29.06
C GLY A 175 13.20 28.49 -28.57
N ASN A 176 12.09 27.88 -28.96
CA ASN A 176 10.79 28.34 -28.52
C ASN A 176 10.38 27.62 -27.25
N ALA A 177 9.24 28.02 -26.71
CA ALA A 177 8.75 27.41 -25.49
C ALA A 177 8.47 25.94 -25.73
N PRO A 178 8.64 25.11 -24.71
CA PRO A 178 8.39 23.67 -24.86
C PRO A 178 6.97 23.47 -25.35
N PRO A 179 6.76 22.48 -26.20
CA PRO A 179 5.43 22.16 -26.76
C PRO A 179 4.53 21.61 -25.64
N ARG A 180 3.21 21.80 -25.76
CA ARG A 180 2.30 21.32 -24.72
C ARG A 180 0.88 21.14 -25.25
N MET A 181 0.11 20.21 -24.67
CA MET A 181 -1.31 19.99 -25.05
C MET A 181 -2.02 19.16 -24.02
N SER A 182 -3.33 19.28 -24.00
CA SER A 182 -4.14 18.52 -23.07
C SER A 182 -4.70 17.31 -23.82
N ILE A 183 -4.81 16.19 -23.11
CA ILE A 183 -5.41 14.94 -23.61
C ILE A 183 -6.55 14.60 -22.63
N PRO A 184 -7.72 14.25 -23.14
CA PRO A 184 -8.85 13.93 -22.25
C PRO A 184 -8.70 12.56 -21.60
N PHE A 185 -9.66 12.20 -20.75
CA PHE A 185 -9.64 10.88 -20.11
C PHE A 185 -9.92 9.92 -21.27
N ILE A 186 -8.91 9.16 -21.62
CA ILE A 186 -8.99 8.33 -22.79
C ILE A 186 -9.30 6.85 -22.64
N SER A 187 -9.58 6.42 -21.43
CA SER A 187 -9.83 5.00 -21.22
C SER A 187 -11.04 4.38 -21.87
N ILE A 188 -10.92 3.08 -22.08
CA ILE A 188 -11.97 2.25 -22.63
C ILE A 188 -12.92 2.00 -21.43
N GLY A 189 -12.37 2.05 -20.22
CA GLY A 189 -13.14 1.76 -19.01
C GLY A 189 -13.61 3.02 -18.30
N ASN A 190 -14.17 2.88 -17.11
CA ASN A 190 -14.67 4.07 -16.41
C ASN A 190 -13.62 4.80 -15.59
N ALA A 191 -12.45 4.20 -15.44
CA ALA A 191 -11.35 4.83 -14.70
C ALA A 191 -10.11 4.08 -15.13
N TYR A 192 -8.96 4.75 -15.16
CA TYR A 192 -7.73 4.07 -15.52
C TYR A 192 -7.50 3.14 -14.33
N SER A 193 -7.03 1.93 -14.59
CA SER A 193 -6.78 0.98 -13.52
C SER A 193 -5.27 0.85 -13.24
N ASN A 194 -4.81 1.12 -12.04
CA ASN A 194 -3.37 1.02 -11.77
C ASN A 194 -2.86 -0.37 -11.42
N PHE A 195 -3.78 -1.24 -11.00
CA PHE A 195 -3.48 -2.62 -10.66
C PHE A 195 -4.59 -3.48 -11.27
N TYR A 196 -4.27 -4.71 -11.66
CA TYR A 196 -5.26 -5.62 -12.25
C TYR A 196 -4.77 -7.03 -11.89
N ASP A 197 -5.43 -7.65 -10.90
CA ASP A 197 -5.12 -9.00 -10.38
C ASP A 197 -5.90 -9.90 -11.32
N GLY A 198 -5.46 -9.93 -12.57
CA GLY A 198 -6.14 -10.70 -13.58
C GLY A 198 -5.32 -11.00 -14.82
N TRP A 199 -5.96 -11.70 -15.75
CA TRP A 199 -5.31 -12.15 -16.98
C TRP A 199 -5.92 -11.60 -18.21
N SER A 200 -5.23 -11.83 -19.32
CA SER A 200 -5.72 -11.37 -20.60
C SER A 200 -6.61 -12.46 -21.22
N HIS A 201 -6.23 -13.72 -21.01
CA HIS A 201 -6.99 -14.85 -21.55
C HIS A 201 -8.00 -15.40 -20.57
N PHE A 202 -9.12 -15.90 -21.10
CA PHE A 202 -10.18 -16.40 -20.24
C PHE A 202 -9.78 -17.68 -19.52
N SER A 203 -8.76 -18.34 -20.02
CA SER A 203 -8.32 -19.57 -19.41
C SER A 203 -7.29 -19.28 -18.29
N GLN A 204 -7.38 -18.10 -17.69
CA GLN A 204 -6.51 -17.72 -16.58
C GLN A 204 -5.01 -17.81 -16.87
N ASN A 205 -4.62 -17.42 -18.07
CA ASN A 205 -3.22 -17.40 -18.46
C ASN A 205 -3.04 -16.28 -19.46
N GLY A 206 -1.90 -16.26 -20.14
CA GLY A 206 -1.67 -15.17 -21.06
C GLY A 206 -0.79 -14.15 -20.34
N VAL A 207 -1.15 -12.88 -20.35
CA VAL A 207 -0.33 -11.90 -19.64
C VAL A 207 -1.04 -11.54 -18.36
N TYR A 208 -0.27 -11.38 -17.28
CA TYR A 208 -0.84 -11.03 -15.99
C TYR A 208 -0.62 -9.57 -15.63
N GLY A 209 -1.63 -8.94 -15.07
CA GLY A 209 -1.45 -7.57 -14.61
C GLY A 209 -1.66 -6.37 -15.49
N TYR A 210 -1.21 -5.24 -14.97
CA TYR A 210 -1.34 -3.95 -15.62
C TYR A 210 -1.26 -3.99 -17.12
N ASN A 211 -0.32 -4.74 -17.66
CA ASN A 211 -0.21 -4.67 -19.08
C ASN A 211 -1.39 -5.02 -19.94
N THR A 212 -2.11 -6.06 -19.58
CA THR A 212 -3.26 -6.44 -20.37
C THR A 212 -4.28 -5.27 -20.51
N LEU A 213 -4.30 -4.36 -19.54
CA LEU A 213 -5.23 -3.23 -19.53
C LEU A 213 -4.82 -1.96 -20.24
N ASN A 214 -3.51 -1.81 -20.46
CA ASN A 214 -2.86 -0.66 -21.12
C ASN A 214 -3.41 -0.43 -22.52
N HIS A 215 -2.51 -0.42 -23.50
CA HIS A 215 -2.90 -0.22 -24.88
C HIS A 215 -3.46 1.12 -25.15
N MET A 216 -2.59 2.12 -25.06
CA MET A 216 -2.95 3.49 -25.31
C MET A 216 -2.15 4.03 -26.45
N GLY A 217 -1.57 3.10 -27.21
CA GLY A 217 -0.77 3.51 -28.36
C GLY A 217 0.63 3.95 -28.01
N GLN A 218 1.30 4.51 -29.01
CA GLN A 218 2.67 4.94 -28.86
C GLN A 218 3.02 6.28 -29.50
N ILE A 219 4.21 6.79 -29.14
CA ILE A 219 4.68 8.06 -29.66
C ILE A 219 5.92 7.90 -30.50
N TYR A 220 5.99 8.62 -31.62
CA TYR A 220 7.16 8.59 -32.50
C TYR A 220 7.62 10.02 -32.70
N VAL A 221 8.92 10.26 -32.60
CA VAL A 221 9.41 11.60 -32.78
C VAL A 221 10.66 11.51 -33.62
N ARG A 222 10.79 12.45 -34.56
CA ARG A 222 11.90 12.51 -35.52
C ARG A 222 12.28 13.98 -35.81
N HIS A 223 13.43 14.21 -36.45
CA HIS A 223 13.80 15.58 -36.83
C HIS A 223 13.14 15.76 -38.17
N VAL A 224 12.89 16.99 -38.56
CA VAL A 224 12.26 17.22 -39.86
C VAL A 224 13.26 17.80 -40.87
N ASN A 225 14.27 18.54 -40.40
CA ASN A 225 15.28 19.12 -41.32
C ASN A 225 15.95 17.95 -42.02
N GLY A 226 16.08 16.89 -41.23
CA GLY A 226 16.69 15.66 -41.65
C GLY A 226 18.05 15.74 -42.31
N SER A 227 19.15 15.98 -41.59
CA SER A 227 20.47 16.00 -42.27
C SER A 227 21.78 16.13 -41.52
N SER A 228 22.12 17.37 -41.20
CA SER A 228 23.36 17.78 -40.55
C SER A 228 24.64 17.11 -41.04
N PRO A 229 25.55 17.93 -41.58
CA PRO A 229 26.84 17.48 -42.09
C PRO A 229 27.53 16.62 -41.05
N LEU A 230 27.61 17.14 -39.84
CA LEU A 230 28.26 16.39 -38.77
C LEU A 230 27.15 15.86 -37.89
N PRO A 231 27.39 14.71 -37.23
CA PRO A 231 26.38 14.11 -36.35
C PRO A 231 25.99 14.92 -35.11
N MET A 232 24.70 14.89 -34.85
CA MET A 232 24.12 15.56 -33.71
C MET A 232 23.13 14.58 -33.09
N THR A 233 22.76 14.84 -31.86
CA THR A 233 21.80 13.98 -31.23
C THR A 233 20.90 14.77 -30.25
N SER A 234 19.61 14.44 -30.34
CA SER A 234 18.56 15.06 -29.57
C SER A 234 17.98 14.15 -28.54
N THR A 235 17.49 14.73 -27.47
CA THR A 235 16.86 13.98 -26.41
C THR A 235 15.48 14.57 -26.22
N VAL A 236 14.49 13.69 -26.18
CA VAL A 236 13.13 14.15 -25.97
C VAL A 236 12.70 13.68 -24.57
N ARG A 237 12.18 14.62 -23.78
CA ARG A 237 11.67 14.32 -22.44
C ARG A 237 10.18 14.67 -22.41
N MET A 238 9.36 13.74 -21.94
CA MET A 238 7.91 13.94 -21.86
C MET A 238 7.44 14.02 -20.42
N TYR A 239 6.63 15.04 -20.15
CA TYR A 239 6.09 15.25 -18.82
C TYR A 239 4.58 15.17 -18.78
N PHE A 240 4.06 14.55 -17.73
CA PHE A 240 2.63 14.37 -17.48
C PHE A 240 2.17 15.17 -16.25
N LYS A 241 1.09 15.94 -16.38
CA LYS A 241 0.54 16.66 -15.23
C LYS A 241 -0.94 16.29 -15.26
N PRO A 242 -1.35 15.33 -14.42
CA PRO A 242 -2.78 15.02 -14.46
C PRO A 242 -3.57 16.22 -13.95
N LYS A 243 -4.79 16.41 -14.46
CA LYS A 243 -5.61 17.51 -13.98
C LYS A 243 -7.08 17.08 -14.08
N HIS A 244 -7.92 17.58 -13.17
CA HIS A 244 -9.37 17.22 -13.13
C HIS A 244 -9.45 15.76 -12.65
N VAL A 245 -8.81 15.52 -11.53
CA VAL A 245 -8.66 14.19 -10.95
C VAL A 245 -9.73 13.61 -10.06
N LYS A 246 -9.79 12.28 -10.06
CA LYS A 246 -10.68 11.52 -9.19
C LYS A 246 -9.92 10.23 -8.91
N ALA A 247 -9.95 9.79 -7.65
CA ALA A 247 -9.23 8.60 -7.24
C ALA A 247 -10.05 7.72 -6.30
N TRP A 248 -9.83 6.41 -6.42
CA TRP A 248 -10.55 5.45 -5.58
C TRP A 248 -9.69 4.32 -4.96
N VAL A 249 -10.18 3.86 -3.81
CA VAL A 249 -9.60 2.82 -2.98
C VAL A 249 -8.08 2.95 -2.89
N PRO A 250 -7.68 3.75 -1.89
CA PRO A 250 -6.28 4.03 -1.61
C PRO A 250 -5.62 2.74 -1.13
N ARG A 251 -4.32 2.62 -1.38
CA ARG A 251 -3.57 1.45 -0.93
C ARG A 251 -2.21 1.85 -0.32
N PRO A 252 -1.55 0.95 0.43
CA PRO A 252 -0.26 1.45 0.92
C PRO A 252 0.72 1.85 -0.16
N PRO A 253 1.57 2.83 0.15
CA PRO A 253 2.60 3.34 -0.77
C PRO A 253 3.60 2.23 -1.01
N ARG A 254 4.08 2.13 -2.24
CA ARG A 254 5.02 1.09 -2.58
C ARG A 254 6.21 1.14 -1.65
N LEU A 255 6.51 0.04 -0.96
CA LEU A 255 7.64 -0.06 -0.02
C LEU A 255 8.92 -0.59 -0.65
N CYS A 256 8.86 -1.66 -1.44
CA CYS A 256 10.05 -2.23 -2.06
C CYS A 256 10.35 -1.51 -3.36
N GLN A 257 11.61 -1.42 -3.75
CA GLN A 257 11.91 -0.77 -5.04
C GLN A 257 11.27 -1.55 -6.19
N TYR A 258 11.02 -0.84 -7.29
CA TYR A 258 10.41 -1.43 -8.49
C TYR A 258 11.47 -2.20 -9.23
N LYS A 259 11.12 -3.33 -9.83
CA LYS A 259 12.13 -4.10 -10.56
C LYS A 259 11.98 -3.91 -12.06
N ASN A 260 10.77 -3.76 -12.58
CA ASN A 260 10.65 -3.54 -14.02
C ASN A 260 9.34 -2.86 -14.34
N ALA A 261 9.09 -2.58 -15.61
CA ALA A 261 7.89 -1.83 -15.91
C ALA A 261 6.59 -2.61 -16.05
N SER A 262 6.69 -3.87 -16.42
CA SER A 262 5.51 -4.69 -16.66
C SER A 262 4.94 -5.46 -15.50
N THR A 263 5.66 -5.44 -14.40
CA THR A 263 5.23 -6.20 -13.28
C THR A 263 5.26 -5.39 -11.99
N VAL A 264 4.71 -6.00 -10.96
CA VAL A 264 4.66 -5.43 -9.65
C VAL A 264 5.82 -6.07 -8.82
N ASN A 265 6.63 -6.90 -9.49
CA ASN A 265 7.73 -7.67 -8.87
C ASN A 265 8.64 -6.91 -8.00
N PHE A 266 9.09 -7.57 -6.95
CA PHE A 266 9.97 -6.95 -5.96
C PHE A 266 10.76 -8.01 -5.23
N SER A 267 11.79 -7.57 -4.50
CA SER A 267 12.62 -8.46 -3.69
C SER A 267 12.19 -8.18 -2.27
N PRO A 268 12.35 -9.15 -1.38
CA PRO A 268 11.94 -8.89 0.00
C PRO A 268 12.70 -7.70 0.53
N THR A 269 12.02 -6.75 1.17
CA THR A 269 12.77 -5.61 1.70
C THR A 269 12.34 -5.31 3.16
N ASP A 270 13.22 -4.65 3.94
CA ASP A 270 12.95 -4.34 5.35
C ASP A 270 11.73 -3.48 5.64
N ILE A 271 11.02 -3.79 6.71
CA ILE A 271 9.85 -3.01 7.06
C ILE A 271 10.20 -1.56 7.33
N THR A 272 11.36 -1.33 7.96
CA THR A 272 11.87 0.01 8.29
C THR A 272 13.35 -0.09 8.74
N ASP A 273 13.93 0.98 9.26
CA ASP A 273 15.33 0.97 9.72
C ASP A 273 15.44 0.46 11.12
N LYS A 274 16.58 -0.11 11.47
CA LYS A 274 16.74 -0.62 12.82
C LYS A 274 17.20 0.49 13.76
N ARG A 275 17.12 0.21 15.06
CA ARG A 275 17.61 1.11 16.10
C ARG A 275 18.14 0.17 17.20
N ASN A 276 18.86 0.71 18.17
CA ASN A 276 19.49 -0.16 19.18
C ASN A 276 18.68 -1.05 20.01
N SER A 277 17.63 -0.52 20.63
CA SER A 277 16.80 -1.33 21.48
C SER A 277 15.45 -0.70 21.40
N ILE A 278 14.46 -1.42 21.90
CA ILE A 278 13.10 -0.94 21.88
C ILE A 278 12.89 0.26 22.82
N THR A 279 13.92 0.64 23.57
CA THR A 279 13.81 1.79 24.48
C THR A 279 14.77 2.91 24.15
N TYR A 280 15.53 2.70 23.10
CA TYR A 280 16.49 3.69 22.72
C TYR A 280 15.92 5.02 22.21
N ILE A 281 16.25 6.06 22.96
CA ILE A 281 15.88 7.42 22.62
C ILE A 281 17.16 8.20 22.88
N PRO A 282 17.78 8.72 21.82
CA PRO A 282 19.01 9.49 21.92
C PRO A 282 18.95 10.66 22.88
N ASP A 283 20.06 10.93 23.57
CA ASP A 283 20.10 12.04 24.50
C ASP A 283 20.57 13.32 23.86
N THR A 284 19.66 14.26 23.64
CA THR A 284 20.01 15.60 23.09
C THR A 284 20.01 16.32 24.45
N VAL A 285 20.16 17.63 24.55
CA VAL A 285 20.15 18.21 25.92
C VAL A 285 21.21 17.63 26.88
N LYS A 286 22.48 17.93 26.61
CA LYS A 286 23.58 17.49 27.45
C LYS A 286 24.65 18.53 27.19
N PRO A 287 25.57 18.79 28.13
CA PRO A 287 26.57 19.82 27.74
C PRO A 287 27.50 19.41 26.55
N ASP A 288 26.93 18.55 25.68
CA ASP A 288 27.51 17.96 24.46
C ASP A 288 28.53 16.82 24.75
N VAL A 289 28.00 15.58 24.91
CA VAL A 289 28.71 14.29 25.23
C VAL A 289 29.62 13.69 24.11
N SER B 10 -26.55 -8.01 24.93
CA SER B 10 -25.22 -7.48 24.44
C SER B 10 -25.21 -7.35 22.90
N ASP B 11 -24.22 -6.62 22.38
CA ASP B 11 -24.01 -6.39 20.93
C ASP B 11 -22.91 -7.28 20.35
N ARG B 12 -22.55 -8.27 21.16
CA ARG B 12 -21.58 -9.28 20.83
C ARG B 12 -22.44 -10.31 20.07
N VAL B 13 -23.71 -10.48 20.52
CA VAL B 13 -24.66 -11.40 19.90
C VAL B 13 -25.04 -10.88 18.51
N ARG B 14 -25.22 -11.80 17.57
CA ARG B 14 -25.57 -11.42 16.21
C ARG B 14 -25.91 -12.61 15.30
N SER B 15 -26.91 -12.43 14.42
CA SER B 15 -27.38 -13.45 13.47
C SER B 15 -27.44 -12.88 11.99
N ILE B 16 -27.24 -13.68 10.95
CA ILE B 16 -27.30 -13.18 9.56
C ILE B 16 -27.94 -14.27 8.71
N THR B 17 -28.88 -13.89 7.86
CA THR B 17 -29.57 -14.87 7.02
C THR B 17 -29.58 -14.55 5.53
N LEU B 18 -29.05 -15.46 4.71
CA LEU B 18 -29.08 -15.22 3.29
C LEU B 18 -29.49 -16.53 2.68
N GLY B 19 -30.58 -16.51 1.93
CA GLY B 19 -31.06 -17.74 1.30
C GLY B 19 -31.52 -18.77 2.31
N ASN B 20 -31.07 -20.02 2.15
CA ASN B 20 -31.49 -21.05 3.10
C ASN B 20 -30.44 -21.25 4.19
N SER B 21 -29.64 -20.21 4.43
CA SER B 21 -28.57 -20.29 5.41
C SER B 21 -28.52 -19.14 6.43
N THR B 22 -28.19 -19.48 7.67
CA THR B 22 -28.05 -18.53 8.77
C THR B 22 -26.78 -18.72 9.61
N ILE B 23 -26.11 -17.60 9.91
CA ILE B 23 -24.91 -17.60 10.73
C ILE B 23 -25.25 -16.95 12.08
N THR B 24 -24.60 -17.40 13.15
CA THR B 24 -24.79 -16.79 14.47
C THR B 24 -23.41 -16.64 15.15
N THR B 25 -23.31 -15.69 16.10
CA THR B 25 -22.12 -15.48 16.96
C THR B 25 -22.61 -14.96 18.30
N GLN B 26 -21.90 -15.35 19.34
CA GLN B 26 -22.21 -14.88 20.67
C GLN B 26 -21.06 -13.90 21.08
N GLU B 27 -20.03 -13.80 20.23
CA GLU B 27 -18.87 -12.93 20.46
C GLU B 27 -18.33 -12.21 19.23
N SER B 28 -19.16 -11.32 18.68
CA SER B 28 -18.77 -10.54 17.51
C SER B 28 -18.21 -9.17 17.95
N ALA B 29 -17.52 -8.51 17.02
CA ALA B 29 -17.08 -7.16 17.28
C ALA B 29 -18.27 -6.49 16.60
N ASN B 30 -17.97 -5.89 15.47
CA ASN B 30 -19.04 -5.23 14.80
C ASN B 30 -19.29 -5.96 13.49
N VAL B 31 -19.44 -5.19 12.42
CA VAL B 31 -19.55 -5.69 11.05
C VAL B 31 -18.96 -4.55 10.25
N VAL B 32 -18.00 -4.83 9.39
CA VAL B 32 -17.42 -3.77 8.61
C VAL B 32 -18.07 -3.80 7.24
N VAL B 33 -18.37 -2.62 6.75
CA VAL B 33 -18.97 -2.52 5.45
C VAL B 33 -18.09 -1.79 4.47
N GLY B 34 -17.70 -2.51 3.44
CA GLY B 34 -16.93 -1.95 2.34
C GLY B 34 -16.34 -0.61 2.60
N TYR B 35 -16.56 0.33 1.72
CA TYR B 35 -15.95 1.63 1.98
C TYR B 35 -17.19 2.36 2.29
N GLY B 36 -17.91 1.74 3.20
CA GLY B 36 -19.19 2.27 3.60
C GLY B 36 -20.27 1.94 2.57
N ARG B 37 -20.00 1.05 1.61
CA ARG B 37 -21.06 0.78 0.66
C ARG B 37 -21.60 -0.60 0.60
N TRP B 38 -22.90 -0.67 0.80
CA TRP B 38 -23.63 -1.92 0.77
C TRP B 38 -23.79 -2.35 -0.69
N PRO B 39 -23.76 -3.67 -0.98
CA PRO B 39 -23.92 -4.11 -2.38
C PRO B 39 -25.25 -3.70 -2.98
N GLU B 40 -25.27 -3.43 -4.26
CA GLU B 40 -26.49 -3.04 -4.95
C GLU B 40 -26.40 -3.71 -6.31
N TYR B 41 -27.53 -3.83 -6.99
CA TYR B 41 -27.56 -4.41 -8.33
C TYR B 41 -27.22 -3.27 -9.30
N LEU B 42 -26.70 -3.59 -10.48
CA LEU B 42 -26.30 -2.59 -11.47
C LEU B 42 -27.48 -1.72 -11.95
N ARG B 43 -27.32 -0.40 -11.95
CA ARG B 43 -28.42 0.50 -12.36
C ARG B 43 -28.42 0.77 -13.85
N ASP B 44 -29.58 1.10 -14.41
CA ASP B 44 -29.64 1.33 -15.86
C ASP B 44 -28.73 2.40 -16.38
N ASP B 45 -28.43 3.40 -15.56
CA ASP B 45 -27.57 4.48 -16.04
C ASP B 45 -26.08 4.23 -15.82
N GLU B 46 -25.78 2.98 -15.45
CA GLU B 46 -24.41 2.58 -15.23
C GLU B 46 -24.08 1.35 -16.05
N ALA B 47 -25.07 0.82 -16.77
CA ALA B 47 -24.87 -0.39 -17.55
C ALA B 47 -24.40 -0.27 -19.01
N THR B 48 -23.72 -1.30 -19.56
CA THR B 48 -23.41 -1.29 -21.00
C THR B 48 -23.95 -2.56 -21.61
N ALA B 49 -23.70 -3.71 -20.97
CA ALA B 49 -24.20 -4.96 -21.50
C ALA B 49 -25.73 -4.80 -21.52
N GLU B 50 -26.28 -4.98 -22.74
CA GLU B 50 -27.70 -4.81 -23.04
C GLU B 50 -28.67 -5.94 -22.83
N ASP B 51 -28.17 -7.16 -22.67
CA ASP B 51 -29.10 -8.25 -22.49
C ASP B 51 -29.69 -8.33 -21.07
N GLN B 52 -30.86 -8.94 -20.95
CA GLN B 52 -31.48 -9.12 -19.65
C GLN B 52 -30.57 -9.95 -18.71
N PRO B 53 -30.37 -9.49 -17.46
CA PRO B 53 -29.53 -10.26 -16.54
C PRO B 53 -30.32 -11.43 -15.93
N THR B 54 -29.62 -12.37 -15.28
CA THR B 54 -30.24 -13.49 -14.56
C THR B 54 -29.91 -13.09 -13.15
N GLN B 55 -30.87 -13.20 -12.25
CA GLN B 55 -30.56 -12.89 -10.86
C GLN B 55 -31.14 -14.02 -10.04
N PRO B 56 -30.42 -15.14 -9.98
CA PRO B 56 -30.74 -16.40 -9.28
C PRO B 56 -31.22 -16.18 -7.85
N ASP B 57 -30.78 -15.07 -7.27
CA ASP B 57 -31.17 -14.75 -5.92
C ASP B 57 -30.78 -15.82 -4.88
N VAL B 58 -31.77 -16.42 -4.21
CA VAL B 58 -31.48 -17.38 -3.14
C VAL B 58 -30.62 -18.56 -3.52
N ALA B 59 -30.80 -19.07 -4.73
CA ALA B 59 -30.03 -20.23 -5.18
C ALA B 59 -28.53 -19.93 -5.20
N THR B 60 -28.25 -18.64 -5.27
CA THR B 60 -26.90 -18.14 -5.45
C THR B 60 -26.33 -17.26 -4.35
N CYS B 61 -27.20 -16.44 -3.74
CA CYS B 61 -26.76 -15.54 -2.70
C CYS B 61 -27.04 -16.16 -1.33
N ARG B 62 -26.10 -17.01 -0.91
CA ARG B 62 -26.18 -17.73 0.36
C ARG B 62 -24.78 -18.08 0.90
N PHE B 63 -24.72 -18.62 2.11
CA PHE B 63 -23.42 -18.94 2.68
C PHE B 63 -22.76 -20.24 2.23
N TYR B 64 -21.59 -20.10 1.62
CA TYR B 64 -20.80 -21.26 1.19
C TYR B 64 -19.63 -21.35 2.18
N THR B 65 -19.36 -22.51 2.75
CA THR B 65 -18.24 -22.58 3.69
C THR B 65 -17.04 -23.25 3.00
N LEU B 66 -15.88 -22.61 3.00
CA LEU B 66 -14.69 -23.20 2.36
C LEU B 66 -14.01 -24.12 3.34
N GLU B 67 -13.12 -24.95 2.83
CA GLU B 67 -12.37 -25.91 3.65
C GLU B 67 -11.54 -25.15 4.70
N SER B 68 -11.58 -25.58 5.96
CA SER B 68 -10.88 -24.87 7.06
C SER B 68 -9.36 -24.96 7.04
N VAL B 69 -8.67 -24.10 7.78
CA VAL B 69 -7.21 -24.18 7.88
C VAL B 69 -6.79 -24.26 9.36
N THR B 70 -5.60 -24.77 9.62
CA THR B 70 -5.16 -24.89 11.00
C THR B 70 -4.20 -23.80 11.43
N TRP B 71 -4.52 -23.13 12.51
CA TRP B 71 -3.64 -22.08 13.00
C TRP B 71 -2.60 -22.74 13.89
N GLU B 72 -1.36 -22.70 13.45
CA GLU B 72 -0.26 -23.27 14.20
C GLU B 72 0.54 -22.18 14.85
N LYS B 73 1.29 -22.53 15.89
CA LYS B 73 2.08 -21.53 16.60
C LYS B 73 2.99 -20.70 15.70
N ASP B 74 3.25 -21.17 14.48
CA ASP B 74 4.13 -20.41 13.56
C ASP B 74 3.56 -20.14 12.15
N SER B 75 2.24 -20.21 12.01
CA SER B 75 1.60 -19.95 10.73
C SER B 75 1.89 -18.51 10.35
N PRO B 76 2.33 -18.30 9.11
CA PRO B 76 2.64 -16.95 8.61
C PRO B 76 1.35 -16.29 8.20
N GLY B 77 0.49 -17.07 7.53
CA GLY B 77 -0.77 -16.51 7.08
C GLY B 77 -1.35 -17.31 5.92
N TRP B 78 -2.47 -16.83 5.39
CA TRP B 78 -3.16 -17.49 4.28
C TRP B 78 -3.88 -16.46 3.39
N TRP B 79 -4.25 -16.85 2.18
CA TRP B 79 -5.03 -15.98 1.30
C TRP B 79 -5.87 -16.76 0.31
N TRP B 80 -6.87 -16.09 -0.24
CA TRP B 80 -7.78 -16.67 -1.23
C TRP B 80 -8.09 -15.59 -2.24
N LYS B 81 -8.16 -15.93 -3.52
CA LYS B 81 -8.48 -14.94 -4.56
C LYS B 81 -10.02 -14.98 -4.68
N PHE B 82 -10.73 -13.91 -5.09
CA PHE B 82 -12.13 -14.19 -5.02
C PHE B 82 -13.16 -14.52 -6.01
N PRO B 83 -13.55 -13.70 -6.96
CA PRO B 83 -14.60 -14.58 -7.60
C PRO B 83 -14.18 -16.10 -7.79
N ASP B 84 -12.93 -16.38 -8.23
CA ASP B 84 -12.39 -17.78 -8.38
C ASP B 84 -12.28 -18.28 -6.97
N ALA B 85 -12.70 -19.49 -6.61
CA ALA B 85 -12.60 -19.92 -5.14
C ALA B 85 -13.95 -20.31 -4.72
N LEU B 86 -14.91 -19.74 -5.42
CA LEU B 86 -16.28 -20.06 -5.20
C LEU B 86 -16.72 -20.68 -6.53
N LYS B 87 -15.80 -20.84 -7.48
CA LYS B 87 -16.18 -21.38 -8.79
C LYS B 87 -16.78 -22.78 -8.79
N ASP B 88 -16.67 -23.51 -7.69
CA ASP B 88 -17.28 -24.84 -7.65
C ASP B 88 -18.35 -24.93 -6.61
N MET B 89 -18.78 -23.77 -6.13
CA MET B 89 -19.82 -23.71 -5.13
C MET B 89 -21.24 -23.64 -5.75
N GLY B 90 -21.91 -24.78 -5.75
CA GLY B 90 -23.28 -24.86 -6.23
C GLY B 90 -23.68 -24.06 -7.43
N LEU B 91 -24.82 -23.37 -7.35
CA LEU B 91 -25.28 -22.64 -8.52
C LEU B 91 -24.52 -21.33 -8.75
N PHE B 92 -23.79 -20.87 -7.73
CA PHE B 92 -23.02 -19.64 -7.92
C PHE B 92 -21.94 -19.94 -8.92
N GLY B 93 -21.36 -21.12 -8.77
CA GLY B 93 -20.32 -21.54 -9.69
C GLY B 93 -20.85 -21.86 -11.07
N GLN B 94 -21.99 -22.54 -11.13
CA GLN B 94 -22.58 -22.88 -12.42
C GLN B 94 -22.88 -21.61 -13.20
N ASN B 95 -23.47 -20.62 -12.54
CA ASN B 95 -23.77 -19.39 -13.25
C ASN B 95 -22.47 -18.75 -13.75
N MET B 96 -21.36 -18.94 -13.03
CA MET B 96 -20.07 -18.42 -13.49
C MET B 96 -19.66 -19.10 -14.80
N TYR B 97 -19.76 -20.43 -14.82
CA TYR B 97 -19.32 -21.14 -16.01
C TYR B 97 -20.10 -20.77 -17.25
N TYR B 98 -21.41 -20.60 -17.12
CA TYR B 98 -22.25 -20.28 -18.26
C TYR B 98 -22.34 -18.86 -18.77
N HIS B 99 -21.83 -17.89 -17.99
CA HIS B 99 -21.91 -16.50 -18.44
C HIS B 99 -20.56 -15.85 -18.65
N TYR B 100 -20.52 -14.92 -19.59
CA TYR B 100 -19.33 -14.16 -19.93
C TYR B 100 -19.10 -13.10 -18.87
N LEU B 101 -20.17 -12.45 -18.42
CA LEU B 101 -20.09 -11.39 -17.40
C LEU B 101 -20.84 -11.68 -16.10
N GLY B 102 -20.25 -11.24 -14.99
CA GLY B 102 -20.86 -11.44 -13.70
C GLY B 102 -20.54 -10.29 -12.77
N ARG B 103 -21.33 -10.15 -11.70
CA ARG B 103 -21.14 -9.07 -10.75
C ARG B 103 -21.74 -9.46 -9.40
N ALA B 104 -20.96 -9.27 -8.34
CA ALA B 104 -21.47 -9.63 -7.04
C ALA B 104 -20.74 -8.95 -5.92
N GLY B 105 -21.43 -8.91 -4.78
CA GLY B 105 -20.89 -8.37 -3.55
C GLY B 105 -20.79 -9.57 -2.63
N TYR B 106 -20.19 -9.40 -1.45
CA TYR B 106 -20.09 -10.55 -0.56
C TYR B 106 -20.13 -10.25 0.92
N THR B 107 -20.62 -11.21 1.69
CA THR B 107 -20.56 -11.07 3.14
C THR B 107 -19.54 -12.14 3.46
N ILE B 108 -18.44 -11.73 4.09
CA ILE B 108 -17.39 -12.65 4.44
C ILE B 108 -17.42 -12.80 5.94
N HIS B 109 -17.44 -14.03 6.39
CA HIS B 109 -17.48 -14.32 7.83
C HIS B 109 -16.38 -15.33 8.22
N VAL B 110 -15.28 -14.81 8.79
CA VAL B 110 -14.17 -15.63 9.24
C VAL B 110 -14.42 -16.05 10.70
N GLN B 111 -14.36 -17.36 10.97
CA GLN B 111 -14.63 -17.90 12.30
C GLN B 111 -13.40 -18.53 12.98
N CYS B 112 -13.16 -18.17 14.24
CA CYS B 112 -12.05 -18.77 14.97
C CYS B 112 -12.25 -18.64 16.48
N ASN B 113 -12.61 -19.73 17.14
CA ASN B 113 -12.82 -19.67 18.57
C ASN B 113 -11.69 -20.40 19.28
N ALA B 114 -11.36 -19.94 20.49
CA ALA B 114 -10.31 -20.58 21.27
C ALA B 114 -10.81 -20.58 22.71
N SER B 115 -10.02 -20.13 23.69
CA SER B 115 -10.51 -20.14 25.07
C SER B 115 -9.98 -18.95 25.83
N LYS B 116 -10.56 -18.67 26.99
CA LYS B 116 -10.07 -17.53 27.75
C LYS B 116 -8.60 -17.73 28.14
N PHE B 117 -8.04 -18.93 27.94
CA PHE B 117 -6.64 -19.16 28.29
C PHE B 117 -5.69 -19.24 27.11
N HIS B 118 -6.21 -18.96 25.91
CA HIS B 118 -5.42 -18.94 24.69
C HIS B 118 -5.15 -17.47 24.32
N GLN B 119 -4.21 -17.21 23.42
CA GLN B 119 -3.98 -15.83 23.01
C GLN B 119 -3.48 -15.80 21.59
N GLY B 120 -3.74 -14.71 20.89
CA GLY B 120 -3.30 -14.58 19.51
C GLY B 120 -4.12 -13.51 18.82
N CYS B 121 -3.63 -12.99 17.71
CA CYS B 121 -4.36 -11.96 17.01
C CYS B 121 -4.20 -12.02 15.48
N LEU B 122 -5.34 -12.16 14.79
CA LEU B 122 -5.38 -12.25 13.32
C LEU B 122 -5.88 -10.96 12.65
N LEU B 123 -5.23 -10.55 11.57
CA LEU B 123 -5.72 -9.40 10.80
C LEU B 123 -6.55 -10.08 9.68
N VAL B 124 -7.79 -9.65 9.44
CA VAL B 124 -8.59 -10.24 8.37
C VAL B 124 -8.89 -9.09 7.41
N VAL B 125 -8.32 -9.16 6.20
CA VAL B 125 -8.47 -8.10 5.19
C VAL B 125 -8.94 -8.51 3.82
N CYS B 126 -9.70 -7.63 3.19
CA CYS B 126 -10.12 -7.83 1.82
C CYS B 126 -9.39 -6.76 1.02
N VAL B 127 -8.46 -7.20 0.19
CA VAL B 127 -7.68 -6.29 -0.64
C VAL B 127 -8.19 -6.27 -2.09
N PRO B 128 -8.79 -5.15 -2.52
CA PRO B 128 -9.29 -5.12 -3.90
C PRO B 128 -8.10 -5.07 -4.83
N GLU B 129 -8.16 -5.84 -5.91
CA GLU B 129 -7.13 -5.78 -6.93
C GLU B 129 -5.74 -6.08 -6.34
N ALA B 130 -5.58 -7.23 -5.68
CA ALA B 130 -4.29 -7.55 -5.07
C ALA B 130 -3.32 -8.22 -6.03
N GLU B 131 -2.83 -7.46 -6.99
CA GLU B 131 -1.85 -7.96 -7.96
C GLU B 131 -0.60 -8.36 -7.18
N MET B 132 -0.12 -9.58 -7.41
CA MET B 132 1.01 -10.11 -6.69
C MET B 132 2.28 -10.21 -7.46
N GLY B 133 3.38 -10.15 -6.74
CA GLY B 133 4.68 -10.20 -7.38
C GLY B 133 5.27 -11.59 -7.45
N CYS B 134 6.19 -11.77 -8.38
CA CYS B 134 6.85 -13.06 -8.58
C CYS B 134 8.09 -13.19 -7.67
N SER B 135 8.39 -14.46 -7.33
CA SER B 135 9.51 -14.87 -6.46
C SER B 135 10.76 -14.66 -7.26
N THR B 136 10.65 -15.08 -8.50
CA THR B 136 11.73 -14.92 -9.43
C THR B 136 11.46 -13.53 -9.95
N VAL B 137 12.29 -12.58 -9.53
CA VAL B 137 12.09 -11.20 -9.90
C VAL B 137 11.90 -10.82 -11.35
N ASP B 138 12.51 -11.54 -12.27
CA ASP B 138 12.29 -11.18 -13.67
C ASP B 138 11.47 -12.23 -14.38
N GLY B 139 10.71 -13.01 -13.60
CA GLY B 139 9.86 -14.05 -14.16
C GLY B 139 8.42 -13.62 -13.99
N THR B 140 7.45 -14.50 -14.24
CA THR B 140 6.05 -14.12 -14.08
C THR B 140 5.32 -15.22 -13.33
N VAL B 141 4.23 -14.86 -12.67
CA VAL B 141 3.48 -15.84 -11.93
C VAL B 141 2.64 -16.75 -12.82
N ASN B 142 2.06 -17.70 -12.12
CA ASN B 142 1.23 -18.83 -12.56
C ASN B 142 -0.15 -18.56 -12.06
N GLU B 143 -1.17 -19.18 -12.63
CA GLU B 143 -2.46 -18.95 -11.99
C GLU B 143 -2.39 -19.80 -10.69
N HIS B 144 -1.65 -20.91 -10.76
CA HIS B 144 -1.50 -21.77 -9.61
C HIS B 144 -0.79 -21.08 -8.46
N GLY B 145 0.21 -20.26 -8.79
CA GLY B 145 0.90 -19.59 -7.71
C GLY B 145 0.01 -18.55 -7.06
N LEU B 146 -1.07 -18.20 -7.76
CA LEU B 146 -2.01 -17.18 -7.33
C LEU B 146 -3.15 -17.67 -6.52
N SER B 147 -3.72 -18.79 -6.92
CA SER B 147 -4.87 -19.29 -6.20
C SER B 147 -5.08 -20.76 -6.36
N GLU B 148 -5.62 -21.38 -5.34
CA GLU B 148 -5.92 -22.78 -5.51
C GLU B 148 -7.39 -23.06 -5.24
N GLY B 149 -8.24 -22.07 -5.57
CA GLY B 149 -9.68 -22.25 -5.41
C GLY B 149 -10.09 -22.16 -3.97
N GLU B 150 -10.59 -23.25 -3.40
CA GLU B 150 -10.92 -23.23 -1.98
C GLU B 150 -9.53 -23.47 -1.44
N THR B 151 -9.35 -24.33 -0.46
CA THR B 151 -7.97 -24.53 0.08
C THR B 151 -7.38 -23.16 0.54
N ALA B 152 -6.34 -22.65 -0.14
CA ALA B 152 -5.73 -21.37 0.27
C ALA B 152 -4.26 -21.41 0.12
N LYS B 153 -3.72 -20.32 -0.38
CA LYS B 153 -2.31 -20.25 -0.55
C LYS B 153 -1.79 -19.86 0.81
N LYS B 154 -0.53 -20.19 1.08
CA LYS B 154 0.06 -19.85 2.36
C LYS B 154 1.14 -18.79 2.22
N PHE B 155 1.16 -17.85 3.15
CA PHE B 155 2.21 -16.86 3.09
C PHE B 155 3.42 -17.62 3.65
N SER B 156 4.56 -16.97 3.62
CA SER B 156 5.74 -17.62 4.11
C SER B 156 6.50 -16.71 5.04
N ALA B 157 7.29 -17.31 5.92
CA ALA B 157 8.05 -16.51 6.84
C ALA B 157 9.38 -16.01 6.26
N THR B 158 9.81 -16.60 5.14
CA THR B 158 11.05 -16.19 4.49
C THR B 158 10.85 -15.90 3.03
N GLY B 159 11.89 -15.37 2.39
CA GLY B 159 11.76 -15.11 0.97
C GLY B 159 11.60 -16.43 0.23
N THR B 160 10.78 -16.45 -0.81
CA THR B 160 10.57 -17.69 -1.55
C THR B 160 11.23 -17.59 -2.88
N ASN B 161 11.45 -18.76 -3.49
CA ASN B 161 12.06 -18.84 -4.81
C ASN B 161 11.16 -19.72 -5.61
N GLY B 162 11.54 -19.91 -6.85
CA GLY B 162 10.73 -20.75 -7.67
C GLY B 162 10.12 -19.81 -8.66
N THR B 163 10.01 -20.34 -9.86
CA THR B 163 9.43 -19.62 -10.96
C THR B 163 7.93 -19.81 -10.80
N ASN B 164 7.16 -18.81 -11.17
CA ASN B 164 5.70 -18.88 -11.08
C ASN B 164 5.07 -18.68 -9.72
N THR B 165 5.78 -18.94 -8.63
CA THR B 165 5.14 -18.75 -7.32
C THR B 165 5.22 -17.32 -6.85
N VAL B 166 4.27 -16.92 -6.02
CA VAL B 166 4.24 -15.57 -5.52
C VAL B 166 5.33 -15.38 -4.45
N GLN B 167 6.02 -14.25 -4.51
CA GLN B 167 7.04 -13.92 -3.53
C GLN B 167 6.23 -13.73 -2.25
N SER B 168 6.07 -14.79 -1.48
CA SER B 168 5.20 -14.69 -0.33
C SER B 168 5.71 -14.46 1.07
N ILE B 169 6.71 -13.61 1.28
CA ILE B 169 7.16 -13.41 2.65
C ILE B 169 6.11 -12.47 3.29
N VAL B 170 5.36 -12.91 4.32
CA VAL B 170 4.27 -12.07 4.91
C VAL B 170 4.56 -10.62 5.02
N THR B 171 5.74 -10.38 5.50
CA THR B 171 6.20 -9.08 5.70
C THR B 171 5.91 -8.07 4.55
N ASN B 172 5.84 -8.53 3.29
CA ASN B 172 5.54 -7.63 2.16
C ASN B 172 4.22 -7.99 1.44
N ALA B 173 3.43 -8.86 2.08
CA ALA B 173 2.10 -9.28 1.60
C ALA B 173 1.96 -9.68 0.15
N GLY B 174 3.07 -10.07 -0.48
CA GLY B 174 3.06 -10.47 -1.88
C GLY B 174 2.79 -9.31 -2.84
N MET B 175 2.81 -8.09 -2.31
CA MET B 175 2.53 -6.92 -3.11
C MET B 175 3.61 -5.86 -3.07
N GLY B 176 4.65 -6.07 -2.26
CA GLY B 176 5.71 -5.08 -2.20
C GLY B 176 5.44 -3.86 -1.31
N VAL B 177 4.63 -4.04 -0.27
CA VAL B 177 4.31 -2.96 0.65
C VAL B 177 4.58 -3.43 2.07
N GLY B 178 4.27 -2.57 3.04
CA GLY B 178 4.45 -2.93 4.44
C GLY B 178 3.18 -3.61 4.90
N VAL B 179 3.29 -4.87 5.28
CA VAL B 179 2.11 -5.61 5.70
C VAL B 179 1.34 -4.83 6.76
N GLY B 180 2.04 -4.16 7.66
CA GLY B 180 1.37 -3.43 8.71
C GLY B 180 0.57 -2.22 8.25
N ASN B 181 0.54 -1.98 6.94
CA ASN B 181 -0.22 -0.87 6.40
C ASN B 181 -1.47 -1.40 5.66
N LEU B 182 -1.72 -2.70 5.73
CA LEU B 182 -2.86 -3.28 5.02
C LEU B 182 -4.15 -2.80 5.60
N THR B 183 -4.09 -2.02 6.67
CA THR B 183 -5.31 -1.52 7.26
C THR B 183 -6.08 -0.46 6.45
N ILE B 184 -5.53 0.15 5.37
CA ILE B 184 -6.37 1.12 4.59
C ILE B 184 -7.41 0.29 3.84
N PHE B 185 -7.35 -1.02 3.93
CA PHE B 185 -8.33 -1.85 3.24
C PHE B 185 -9.37 -2.30 4.25
N PRO B 186 -10.59 -2.59 3.80
CA PRO B 186 -11.63 -3.03 4.72
C PRO B 186 -11.11 -4.23 5.56
N HIS B 187 -11.29 -4.19 6.86
CA HIS B 187 -10.78 -5.32 7.66
C HIS B 187 -11.26 -5.31 9.12
N GLN B 188 -11.02 -6.42 9.81
CA GLN B 188 -11.31 -6.50 11.24
C GLN B 188 -10.16 -7.32 11.81
N TRP B 189 -10.02 -7.32 13.13
CA TRP B 189 -8.99 -8.13 13.74
C TRP B 189 -9.69 -9.23 14.56
N ILE B 190 -9.09 -10.41 14.67
CA ILE B 190 -9.68 -11.39 15.57
C ILE B 190 -8.65 -11.51 16.71
N ASN B 191 -8.92 -10.86 17.83
CA ASN B 191 -8.03 -10.91 19.01
C ASN B 191 -8.74 -11.92 19.90
N LEU B 192 -8.13 -13.09 20.03
CA LEU B 192 -8.74 -14.16 20.77
C LEU B 192 -9.27 -13.79 22.14
N ARG B 193 -8.60 -12.85 22.83
CA ARG B 193 -9.10 -12.50 24.16
C ARG B 193 -10.41 -11.77 24.06
N THR B 194 -10.79 -11.20 22.92
CA THR B 194 -12.05 -10.46 22.96
C THR B 194 -13.09 -10.83 21.93
N ASN B 195 -12.63 -11.56 20.94
CA ASN B 195 -13.44 -11.72 19.78
C ASN B 195 -13.29 -13.10 19.11
N ASN B 196 -14.34 -13.64 18.51
CA ASN B 196 -14.20 -14.97 17.89
C ASN B 196 -14.60 -15.10 16.43
N CYS B 197 -14.74 -13.96 15.75
CA CYS B 197 -15.10 -13.98 14.35
C CYS B 197 -14.93 -12.60 13.75
N ALA B 198 -14.93 -12.52 12.43
CA ALA B 198 -14.80 -11.23 11.78
C ALA B 198 -15.82 -11.22 10.64
N THR B 199 -16.51 -10.10 10.44
CA THR B 199 -17.50 -10.00 9.36
C THR B 199 -17.30 -8.74 8.54
N ILE B 200 -17.11 -8.94 7.26
CA ILE B 200 -16.89 -7.86 6.33
C ILE B 200 -17.83 -8.03 5.17
N VAL B 201 -18.53 -6.96 4.81
CA VAL B 201 -19.44 -6.97 3.68
C VAL B 201 -18.72 -6.12 2.63
N MET B 202 -18.38 -6.73 1.49
CA MET B 202 -17.68 -6.01 0.42
C MET B 202 -18.62 -5.74 -0.75
N PRO B 203 -18.61 -4.51 -1.26
CA PRO B 203 -19.47 -4.21 -2.40
C PRO B 203 -18.64 -4.52 -3.64
N TYR B 204 -19.26 -4.57 -4.81
CA TYR B 204 -18.51 -4.85 -6.03
C TYR B 204 -17.58 -3.65 -6.26
N ILE B 205 -16.29 -3.87 -6.48
CA ILE B 205 -15.37 -2.74 -6.72
C ILE B 205 -14.54 -3.08 -7.95
N ASN B 206 -14.54 -2.20 -8.96
CA ASN B 206 -13.83 -2.46 -10.22
C ASN B 206 -13.94 -1.14 -11.03
N ASN B 207 -13.24 -1.04 -12.18
CA ASN B 207 -13.30 0.19 -12.98
C ASN B 207 -14.26 0.03 -14.17
N VAL B 208 -15.06 -1.02 -14.14
CA VAL B 208 -16.05 -1.32 -15.18
C VAL B 208 -17.24 -1.87 -14.42
N PRO B 209 -18.43 -1.69 -14.97
CA PRO B 209 -19.64 -2.18 -14.30
C PRO B 209 -19.81 -3.67 -14.07
N MET B 210 -19.22 -4.49 -14.93
CA MET B 210 -19.31 -5.93 -14.78
C MET B 210 -18.00 -6.49 -15.30
N ASP B 211 -17.76 -7.77 -15.09
CA ASP B 211 -16.51 -8.34 -15.56
C ASP B 211 -16.61 -9.85 -15.60
N ASN B 212 -15.60 -10.48 -16.20
CA ASN B 212 -15.57 -11.92 -16.32
C ASN B 212 -15.05 -12.48 -15.00
N MET B 213 -15.68 -13.53 -14.48
CA MET B 213 -15.27 -14.01 -13.17
C MET B 213 -14.15 -15.00 -13.09
N PHE B 214 -13.66 -15.44 -14.23
CA PHE B 214 -12.55 -16.39 -14.23
C PHE B 214 -11.24 -15.66 -14.47
N ARG B 215 -11.28 -14.67 -15.33
CA ARG B 215 -10.14 -13.92 -15.77
C ARG B 215 -9.66 -12.85 -14.80
N HIS B 216 -10.50 -12.40 -13.87
CA HIS B 216 -10.13 -11.29 -13.00
C HIS B 216 -10.46 -11.52 -11.53
N HIS B 217 -9.44 -11.51 -10.65
CA HIS B 217 -9.69 -11.70 -9.21
C HIS B 217 -10.04 -10.37 -8.57
N ASN B 218 -11.34 -10.11 -8.44
CA ASN B 218 -11.75 -8.84 -7.91
C ASN B 218 -11.10 -8.46 -6.63
N PHE B 219 -10.84 -9.41 -5.74
CA PHE B 219 -10.16 -9.04 -4.51
C PHE B 219 -9.61 -10.24 -3.77
N THR B 220 -8.64 -10.01 -2.90
CA THR B 220 -8.06 -11.12 -2.15
C THR B 220 -8.35 -11.04 -0.66
N LEU B 221 -8.68 -12.17 -0.05
CA LEU B 221 -8.93 -12.21 1.40
C LEU B 221 -7.62 -12.70 2.01
N MET B 222 -7.07 -11.94 2.95
CA MET B 222 -5.83 -12.37 3.62
C MET B 222 -6.06 -12.52 5.14
N ILE B 223 -5.60 -13.61 5.74
CA ILE B 223 -5.72 -13.80 7.19
C ILE B 223 -4.25 -13.96 7.64
N ILE B 224 -3.74 -12.95 8.34
CA ILE B 224 -2.34 -12.92 8.75
C ILE B 224 -2.19 -12.80 10.25
N PRO B 225 -1.62 -13.83 10.89
CA PRO B 225 -1.51 -13.61 12.33
C PRO B 225 -0.41 -12.59 12.67
N PHE B 226 -0.75 -11.55 13.43
CA PHE B 226 0.24 -10.54 13.84
C PHE B 226 0.81 -10.90 15.22
N VAL B 227 0.00 -11.47 16.12
CA VAL B 227 0.48 -11.93 17.43
C VAL B 227 0.14 -13.42 17.31
N PRO B 228 1.14 -14.28 17.42
CA PRO B 228 0.96 -15.73 17.30
C PRO B 228 0.21 -16.46 18.36
N LEU B 229 -0.37 -17.58 17.91
CA LEU B 229 -1.16 -18.45 18.77
C LEU B 229 -0.28 -18.95 19.91
N ASN B 230 -0.84 -19.01 21.10
CA ASN B 230 -0.10 -19.54 22.23
C ASN B 230 -1.02 -20.02 23.33
N TYR B 231 -0.53 -20.95 24.14
CA TYR B 231 -1.30 -21.56 25.21
C TYR B 231 -0.39 -22.41 26.11
N SER B 232 -0.94 -23.11 27.13
CA SER B 232 -0.15 -23.97 28.04
C SER B 232 -0.47 -25.50 28.11
N SER B 233 -0.76 -26.07 29.26
CA SER B 233 -1.12 -27.49 29.23
C SER B 233 -2.57 -27.68 28.65
N ASP B 234 -3.10 -26.55 28.13
CA ASP B 234 -4.45 -26.29 27.52
C ASP B 234 -4.80 -27.25 26.49
N PHE B 235 -4.95 -28.49 26.95
CA PHE B 235 -5.32 -29.65 26.12
C PHE B 235 -6.15 -29.33 24.83
N SER B 236 -5.79 -28.20 24.20
CA SER B 236 -6.40 -27.71 23.01
C SER B 236 -5.32 -26.99 22.32
N THR B 237 -4.73 -27.71 21.37
CA THR B 237 -3.64 -27.24 20.54
C THR B 237 -4.20 -27.05 19.14
N TYR B 238 -5.37 -27.65 18.92
CA TYR B 238 -6.03 -27.57 17.65
C TYR B 238 -6.90 -26.33 17.55
N VAL B 239 -6.47 -25.31 16.83
CA VAL B 239 -7.31 -24.13 16.74
C VAL B 239 -7.50 -23.82 15.26
N PRO B 240 -8.62 -24.26 14.68
CA PRO B 240 -8.93 -24.04 13.26
C PRO B 240 -9.52 -22.68 12.96
N ILE B 241 -9.44 -22.26 11.70
CA ILE B 241 -9.98 -20.99 11.24
C ILE B 241 -10.85 -21.42 10.08
N THR B 242 -12.06 -20.86 9.97
CA THR B 242 -12.98 -21.25 8.90
C THR B 242 -13.55 -20.02 8.24
N VAL B 243 -13.56 -20.03 6.90
CA VAL B 243 -14.07 -18.95 6.09
C VAL B 243 -15.40 -19.31 5.44
N THR B 244 -16.42 -18.49 5.67
CA THR B 244 -17.72 -18.72 5.07
C THR B 244 -18.05 -17.44 4.32
N VAL B 245 -18.45 -17.55 3.06
CA VAL B 245 -18.78 -16.34 2.35
C VAL B 245 -20.07 -16.47 1.57
N ALA B 246 -20.77 -15.35 1.43
CA ALA B 246 -22.03 -15.36 0.73
C ALA B 246 -22.16 -14.27 -0.32
N PRO B 247 -22.27 -14.66 -1.60
CA PRO B 247 -22.41 -13.71 -2.69
C PRO B 247 -23.69 -12.91 -2.43
N MET B 248 -23.67 -11.65 -2.80
CA MET B 248 -24.82 -10.79 -2.61
C MET B 248 -25.15 -10.05 -3.89
N CYS B 249 -26.41 -10.10 -4.32
CA CYS B 249 -26.82 -9.39 -5.53
C CYS B 249 -26.09 -9.90 -6.75
N ALA B 250 -25.97 -11.21 -6.86
CA ALA B 250 -25.27 -11.73 -8.02
C ALA B 250 -26.10 -11.51 -9.27
N GLU B 251 -25.50 -10.98 -10.33
CA GLU B 251 -26.25 -10.89 -11.58
C GLU B 251 -25.30 -11.26 -12.69
N TYR B 252 -25.83 -11.94 -13.70
CA TYR B 252 -25.04 -12.42 -14.82
C TYR B 252 -25.57 -12.01 -16.19
N ASN B 253 -24.64 -11.80 -17.12
CA ASN B 253 -24.96 -11.42 -18.50
C ASN B 253 -24.15 -12.21 -19.54
N GLY B 254 -24.63 -12.26 -20.78
CA GLY B 254 -23.92 -12.95 -21.84
C GLY B 254 -23.88 -14.46 -21.68
N LEU B 255 -25.05 -15.06 -21.77
CA LEU B 255 -25.18 -16.50 -21.63
C LEU B 255 -24.78 -17.26 -22.89
N ARG B 256 -24.08 -18.37 -22.72
CA ARG B 256 -23.68 -19.23 -23.85
C ARG B 256 -23.23 -20.57 -23.32
N LEU B 257 -22.54 -21.37 -24.12
CA LEU B 257 -22.12 -22.67 -23.60
C LEU B 257 -21.14 -22.48 -22.45
N SER B 258 -21.00 -23.52 -21.63
CA SER B 258 -20.13 -23.48 -20.47
C SER B 258 -18.63 -23.42 -20.74
N THR B 259 -17.88 -22.71 -19.90
CA THR B 259 -16.45 -22.56 -20.09
C THR B 259 -15.66 -23.82 -19.79
N ALA B 260 -14.59 -23.96 -20.58
CA ALA B 260 -13.66 -25.08 -20.53
C ALA B 260 -12.74 -25.10 -19.30
N LEU B 261 -13.01 -26.04 -18.39
CA LEU B 261 -12.23 -26.24 -17.15
C LEU B 261 -10.69 -26.38 -17.32
N GLY C 1 -3.26 45.33 -34.74
CA GLY C 1 -2.34 44.77 -33.63
C GLY C 1 -2.43 45.45 -32.26
N LEU C 2 -2.80 44.70 -31.21
CA LEU C 2 -2.91 45.28 -29.87
C LEU C 2 -1.54 45.29 -29.20
N PRO C 3 -1.09 46.45 -28.68
CA PRO C 3 0.23 46.57 -28.02
C PRO C 3 0.40 45.74 -26.79
N VAL C 4 1.54 45.06 -26.75
CA VAL C 4 1.88 44.09 -25.72
C VAL C 4 3.37 44.15 -25.28
N ILE C 5 3.70 43.77 -24.01
CA ILE C 5 5.11 43.70 -23.46
C ILE C 5 5.22 42.32 -22.81
N ASN C 6 6.25 41.57 -23.15
CA ASN C 6 6.41 40.25 -22.52
C ASN C 6 7.14 40.44 -21.21
N THR C 7 6.64 39.81 -20.17
CA THR C 7 7.28 39.96 -18.86
C THR C 7 8.24 38.81 -18.56
N PRO C 8 9.15 38.99 -17.59
CA PRO C 8 10.07 37.90 -17.26
C PRO C 8 9.15 36.68 -17.04
N GLY C 9 9.62 35.49 -17.37
CA GLY C 9 8.80 34.30 -17.18
C GLY C 9 8.24 33.78 -18.49
N SER C 10 8.11 34.67 -19.47
CA SER C 10 7.59 34.27 -20.77
C SER C 10 8.39 33.12 -21.33
N ASN C 11 7.69 32.13 -21.84
CA ASN C 11 8.30 30.95 -22.41
C ASN C 11 8.96 29.95 -21.48
N GLN C 12 8.77 30.07 -20.18
CA GLN C 12 9.38 29.09 -19.30
C GLN C 12 8.41 27.97 -19.05
N PHE C 13 8.93 26.88 -18.53
CA PHE C 13 8.11 25.73 -18.23
C PHE C 13 8.28 25.48 -16.73
N LEU C 14 7.27 25.89 -15.98
CA LEU C 14 7.27 25.70 -14.54
C LEU C 14 6.38 24.48 -14.23
N THR C 15 7.01 23.46 -13.67
CA THR C 15 6.40 22.20 -13.27
C THR C 15 5.03 22.31 -12.62
N SER C 16 4.89 23.34 -11.80
CA SER C 16 3.67 23.57 -11.05
C SER C 16 2.83 24.75 -11.57
N ASP C 17 2.97 25.03 -12.88
CA ASP C 17 2.16 26.10 -13.44
C ASP C 17 0.71 25.60 -13.53
N ASP C 18 -0.17 26.43 -14.03
CA ASP C 18 -1.56 26.03 -14.06
C ASP C 18 -2.29 26.87 -15.12
N PHE C 19 -2.12 26.51 -16.38
CA PHE C 19 -2.74 27.22 -17.51
C PHE C 19 -3.65 26.36 -18.39
N GLN C 20 -4.43 27.04 -19.23
CA GLN C 20 -5.26 26.32 -20.16
C GLN C 20 -4.31 25.87 -21.27
N SER C 21 -4.68 24.86 -22.07
CA SER C 21 -3.88 24.34 -23.21
C SER C 21 -4.83 23.71 -24.23
N PRO C 22 -4.50 23.81 -25.52
CA PRO C 22 -5.34 23.24 -26.58
C PRO C 22 -5.42 21.74 -26.42
N SER C 23 -6.58 21.19 -26.75
CA SER C 23 -6.71 19.75 -26.66
C SER C 23 -6.29 19.17 -27.99
N ALA C 24 -5.57 18.05 -27.92
CA ALA C 24 -5.14 17.42 -29.17
C ALA C 24 -6.26 16.50 -29.71
N MET C 25 -7.38 16.42 -29.00
CA MET C 25 -8.47 15.56 -29.43
C MET C 25 -9.80 16.30 -29.29
N PRO C 26 -10.02 17.25 -30.18
CA PRO C 26 -11.24 18.06 -30.19
C PRO C 26 -12.53 17.22 -30.18
N GLN C 27 -13.39 17.51 -29.21
CA GLN C 27 -14.69 16.84 -29.07
C GLN C 27 -14.69 15.37 -28.70
N PHE C 28 -13.60 14.87 -28.16
CA PHE C 28 -13.54 13.46 -27.74
C PHE C 28 -14.63 13.19 -26.70
N ASP C 29 -15.41 12.13 -26.93
CA ASP C 29 -16.48 11.78 -26.01
C ASP C 29 -15.96 10.81 -24.97
N VAL C 30 -15.66 11.34 -23.80
CA VAL C 30 -15.09 10.59 -22.70
C VAL C 30 -16.04 9.47 -22.19
N THR C 31 -15.55 8.32 -21.71
CA THR C 31 -16.53 7.32 -21.25
C THR C 31 -17.20 7.77 -19.92
N PRO C 32 -18.53 7.54 -19.77
CA PRO C 32 -19.32 7.92 -18.58
C PRO C 32 -18.70 7.56 -17.28
N GLU C 33 -18.90 8.41 -16.30
CA GLU C 33 -18.34 8.19 -15.00
C GLU C 33 -19.16 7.11 -14.33
N LEU C 34 -18.47 6.34 -13.50
CA LEU C 34 -19.07 5.23 -12.78
C LEU C 34 -18.82 5.45 -11.31
N ASN C 35 -19.84 5.25 -10.50
CA ASN C 35 -19.70 5.46 -9.08
C ASN C 35 -19.01 4.36 -8.30
N ILE C 36 -17.68 4.37 -8.27
CA ILE C 36 -16.91 3.36 -7.57
C ILE C 36 -16.82 3.62 -6.07
N PRO C 37 -16.95 2.57 -5.25
CA PRO C 37 -16.86 2.82 -3.82
C PRO C 37 -15.44 3.24 -3.44
N GLY C 38 -15.31 3.92 -2.30
CA GLY C 38 -13.99 4.29 -1.82
C GLY C 38 -13.30 5.45 -2.47
N GLU C 39 -14.02 6.53 -2.72
CA GLU C 39 -13.34 7.64 -3.34
C GLU C 39 -12.49 8.42 -2.38
N VAL C 40 -11.23 8.64 -2.72
CA VAL C 40 -10.32 9.41 -1.86
C VAL C 40 -10.34 10.86 -2.32
N GLN C 41 -10.25 11.83 -1.41
CA GLN C 41 -10.22 13.25 -1.79
C GLN C 41 -9.08 14.09 -1.24
N ASN C 42 -8.51 13.68 -0.12
CA ASN C 42 -7.41 14.42 0.44
C ASN C 42 -6.50 13.38 1.09
N LEU C 43 -5.20 13.45 0.83
CA LEU C 43 -4.30 12.47 1.43
C LEU C 43 -4.48 12.35 2.95
N MET C 44 -5.00 13.39 3.59
CA MET C 44 -5.21 13.31 5.03
C MET C 44 -6.25 12.23 5.38
N GLU C 45 -7.15 11.90 4.45
CA GLU C 45 -8.12 10.86 4.73
C GLU C 45 -7.32 9.58 5.02
N ILE C 46 -6.24 9.36 4.29
CA ILE C 46 -5.39 8.19 4.51
C ILE C 46 -4.61 8.28 5.83
N ALA C 47 -4.05 9.45 6.12
CA ALA C 47 -3.29 9.62 7.36
C ALA C 47 -4.14 9.51 8.62
N GLU C 48 -5.45 9.64 8.44
CA GLU C 48 -6.34 9.56 9.59
C GLU C 48 -6.68 8.12 9.93
N VAL C 49 -6.22 7.18 9.10
CA VAL C 49 -6.47 5.75 9.30
C VAL C 49 -5.34 5.08 10.09
N ASP C 50 -5.70 4.26 11.08
CA ASP C 50 -4.69 3.58 11.87
C ASP C 50 -3.87 2.65 11.01
N SER C 51 -2.57 2.54 11.30
CA SER C 51 -1.72 1.55 10.62
C SER C 51 -0.77 1.06 11.72
N VAL C 52 -0.28 -0.17 11.62
CA VAL C 52 0.57 -0.73 12.68
C VAL C 52 2.01 -0.21 12.74
N VAL C 53 2.40 0.29 13.91
CA VAL C 53 3.74 0.85 14.11
C VAL C 53 4.80 -0.22 14.42
N PRO C 54 5.93 -0.22 13.67
CA PRO C 54 6.97 -1.22 13.94
C PRO C 54 7.87 -0.77 15.11
N VAL C 55 7.31 -0.73 16.31
CA VAL C 55 8.00 -0.29 17.52
C VAL C 55 9.24 -1.08 17.86
N ASN C 56 9.21 -2.37 17.60
CA ASN C 56 10.32 -3.25 17.93
C ASN C 56 11.26 -3.41 16.74
N ASN C 57 11.61 -2.28 16.13
CA ASN C 57 12.48 -2.25 14.95
C ASN C 57 13.94 -2.40 15.32
N VAL C 58 14.20 -3.53 15.94
CA VAL C 58 15.53 -3.88 16.40
C VAL C 58 16.23 -4.75 15.37
N ALA C 59 17.54 -4.69 15.36
CA ALA C 59 18.30 -5.49 14.38
C ALA C 59 17.86 -6.96 14.48
N GLY C 60 17.49 -7.55 13.34
CA GLY C 60 17.08 -8.94 13.37
C GLY C 60 15.58 -9.12 13.24
N ASN C 61 14.83 -8.04 13.42
CA ASN C 61 13.39 -8.12 13.30
C ASN C 61 12.98 -7.40 12.04
N LEU C 62 13.92 -6.77 11.36
CA LEU C 62 13.53 -5.99 10.19
C LEU C 62 12.71 -6.69 9.12
N GLU C 63 12.69 -8.03 9.12
CA GLU C 63 11.86 -8.73 8.13
C GLU C 63 11.04 -9.84 8.69
N THR C 64 10.53 -9.63 9.90
CA THR C 64 9.75 -10.65 10.56
C THR C 64 8.63 -9.94 11.28
N MET C 65 7.51 -10.62 11.49
CA MET C 65 6.37 -10.00 12.17
C MET C 65 6.63 -9.50 13.60
N ASP C 66 7.80 -9.79 14.17
CA ASP C 66 8.14 -9.30 15.51
C ASP C 66 8.26 -7.81 15.69
N ILE C 67 8.81 -7.15 14.68
CA ILE C 67 9.03 -5.70 14.67
C ILE C 67 7.73 -5.05 15.10
N TYR C 68 6.59 -5.72 14.94
CA TYR C 68 5.29 -5.13 15.31
C TYR C 68 4.83 -5.50 16.72
N ARG C 69 5.55 -6.39 17.41
CA ARG C 69 5.18 -6.82 18.77
C ARG C 69 5.95 -6.23 19.94
N ILE C 70 5.24 -5.58 20.87
CA ILE C 70 5.90 -5.04 22.06
C ILE C 70 5.69 -6.12 23.15
N PRO C 71 6.78 -6.76 23.61
CA PRO C 71 6.91 -7.81 24.63
C PRO C 71 6.61 -7.30 26.00
N VAL C 72 5.76 -7.99 26.73
CA VAL C 72 5.41 -7.53 28.05
C VAL C 72 5.23 -8.82 28.86
N GLN C 73 5.48 -8.82 30.17
CA GLN C 73 5.30 -10.06 30.91
C GLN C 73 4.99 -10.05 32.41
N SER C 74 4.58 -11.24 32.87
CA SER C 74 4.19 -11.53 34.25
C SER C 74 5.45 -11.39 35.08
N GLY C 75 5.29 -11.26 36.41
CA GLY C 75 6.45 -11.17 37.30
C GLY C 75 6.90 -9.76 37.60
N ASN C 76 7.91 -9.57 38.45
CA ASN C 76 8.37 -8.22 38.78
C ASN C 76 9.35 -7.59 37.80
N HIS C 77 8.88 -6.62 37.01
CA HIS C 77 9.73 -5.92 36.04
C HIS C 77 9.51 -4.43 36.04
N GLN C 78 8.97 -3.90 37.13
CA GLN C 78 8.67 -2.47 37.19
C GLN C 78 9.77 -1.46 36.75
N SER C 79 10.99 -1.68 37.22
CA SER C 79 12.20 -0.86 36.94
C SER C 79 12.50 -0.86 35.44
N SER C 80 12.14 -1.97 34.83
CA SER C 80 12.30 -2.25 33.42
C SER C 80 11.22 -1.40 32.68
N GLN C 81 11.65 -0.53 31.77
CA GLN C 81 10.74 0.30 30.97
C GLN C 81 10.22 -0.59 29.85
N VAL C 82 8.94 -0.51 29.47
CA VAL C 82 8.45 -1.38 28.40
C VAL C 82 8.92 -1.00 26.99
N PHE C 83 8.92 0.29 26.67
CA PHE C 83 9.42 0.77 25.38
C PHE C 83 9.47 2.31 25.43
N GLY C 84 9.98 2.92 24.37
CA GLY C 84 10.07 4.36 24.31
C GLY C 84 10.50 4.70 22.89
N PHE C 85 10.14 5.88 22.41
CA PHE C 85 10.56 6.27 21.08
C PHE C 85 10.33 7.73 20.91
N GLN C 86 11.06 8.34 19.97
CA GLN C 86 10.95 9.77 19.71
C GLN C 86 9.70 10.07 18.92
N VAL C 87 9.18 11.27 19.07
CA VAL C 87 8.01 11.63 18.29
C VAL C 87 8.44 12.39 17.03
N GLN C 88 8.93 11.68 16.01
CA GLN C 88 9.32 12.30 14.73
C GLN C 88 8.59 11.50 13.68
N PRO C 89 7.32 11.77 13.53
CA PRO C 89 6.47 11.06 12.58
C PRO C 89 6.98 10.86 11.17
N GLY C 90 7.74 11.81 10.64
CA GLY C 90 8.16 11.56 9.26
C GLY C 90 9.57 11.09 9.13
N LEU C 91 10.30 11.11 10.25
CA LEU C 91 11.70 10.77 10.24
C LEU C 91 12.25 9.52 10.93
N ASP C 92 11.85 9.26 12.17
CA ASP C 92 12.38 8.08 12.87
C ASP C 92 11.84 6.77 12.32
N GLY C 93 12.71 5.76 12.27
CA GLY C 93 12.32 4.46 11.75
C GLY C 93 11.00 3.92 12.25
N VAL C 94 10.70 4.20 13.51
CA VAL C 94 9.46 3.73 14.09
C VAL C 94 8.21 4.21 13.33
N PHE C 95 8.29 5.41 12.76
CA PHE C 95 7.15 5.99 12.08
C PHE C 95 7.23 6.19 10.59
N LYS C 96 8.41 6.52 10.06
CA LYS C 96 8.49 6.84 8.65
C LYS C 96 7.79 5.95 7.63
N HIS C 97 7.70 4.64 7.84
CA HIS C 97 7.04 3.81 6.81
C HIS C 97 5.62 3.40 7.11
N THR C 98 5.09 4.11 8.07
CA THR C 98 3.74 3.99 8.55
C THR C 98 2.82 4.65 7.50
N LEU C 99 1.52 4.43 7.57
CA LEU C 99 0.62 5.12 6.64
C LEU C 99 0.85 6.65 6.84
N LEU C 100 0.75 7.13 8.09
CA LEU C 100 0.99 8.56 8.37
C LEU C 100 2.38 9.02 7.93
N GLY C 101 3.38 8.17 8.14
CA GLY C 101 4.74 8.53 7.78
C GLY C 101 4.98 8.64 6.29
N GLU C 102 4.48 7.67 5.53
CA GLU C 102 4.70 7.69 4.08
C GLU C 102 4.10 8.97 3.53
N ILE C 103 2.94 9.34 4.05
CA ILE C 103 2.31 10.54 3.56
C ILE C 103 3.11 11.78 3.95
N LEU C 104 3.54 11.87 5.21
CA LEU C 104 4.32 13.02 5.62
C LEU C 104 5.55 13.19 4.73
N ASN C 105 6.13 12.10 4.25
CA ASN C 105 7.33 12.23 3.43
C ASN C 105 7.18 12.87 2.05
N TYR C 106 5.96 13.22 1.65
CA TYR C 106 5.75 13.87 0.37
C TYR C 106 5.61 15.37 0.65
N TYR C 107 5.79 15.76 1.92
CA TYR C 107 5.68 17.17 2.34
C TYR C 107 6.86 17.57 3.22
N ALA C 108 7.05 18.86 3.43
CA ALA C 108 8.15 19.35 4.24
C ALA C 108 7.71 19.89 5.62
N HIS C 109 6.42 20.13 5.79
CA HIS C 109 5.91 20.66 7.04
C HIS C 109 4.71 19.87 7.56
N TRP C 110 4.60 19.73 8.88
CA TRP C 110 3.43 19.08 9.47
C TRP C 110 3.04 19.77 10.78
N SER C 111 1.79 19.54 11.17
CA SER C 111 1.23 20.12 12.40
C SER C 111 -0.01 19.33 12.82
N GLY C 112 -0.18 19.11 14.12
CA GLY C 112 -1.35 18.39 14.56
C GLY C 112 -1.14 17.39 15.66
N SER C 113 -2.24 16.89 16.19
CA SER C 113 -2.18 15.92 17.26
C SER C 113 -2.18 14.56 16.64
N ILE C 114 -1.57 13.63 17.38
CA ILE C 114 -1.42 12.27 16.94
C ILE C 114 -2.03 11.32 17.91
N LYS C 115 -2.63 10.26 17.38
CA LYS C 115 -3.24 9.22 18.18
C LYS C 115 -2.42 7.97 18.10
N LEU C 116 -2.10 7.43 19.28
CA LEU C 116 -1.38 6.18 19.43
C LEU C 116 -2.36 5.22 20.12
N THR C 117 -2.83 4.20 19.42
CA THR C 117 -3.74 3.22 20.03
C THR C 117 -2.95 1.97 20.43
N PHE C 118 -3.08 1.51 21.66
CA PHE C 118 -2.35 0.32 22.09
C PHE C 118 -3.37 -0.76 22.36
N VAL C 119 -3.12 -1.93 21.80
CA VAL C 119 -4.03 -3.05 21.96
C VAL C 119 -3.29 -4.22 22.63
N PHE C 120 -3.92 -4.78 23.67
CA PHE C 120 -3.36 -5.89 24.44
C PHE C 120 -3.76 -7.21 23.79
N CYS C 121 -2.79 -8.11 23.54
CA CYS C 121 -3.13 -9.38 22.90
C CYS C 121 -2.81 -10.63 23.71
N GLY C 122 -2.88 -10.49 25.03
CA GLY C 122 -2.64 -11.64 25.86
C GLY C 122 -3.96 -12.39 25.99
N SER C 123 -3.98 -13.41 26.84
CA SER C 123 -5.20 -14.18 27.05
C SER C 123 -6.20 -13.31 27.76
N ALA C 124 -7.46 -13.72 27.76
CA ALA C 124 -8.48 -12.97 28.45
C ALA C 124 -8.27 -13.05 29.96
N MET C 125 -7.64 -14.10 30.46
CA MET C 125 -7.44 -14.21 31.91
C MET C 125 -6.28 -13.33 32.39
N ALA C 126 -5.53 -12.73 31.47
CA ALA C 126 -4.40 -11.88 31.85
C ALA C 126 -4.92 -10.54 32.34
N THR C 127 -4.10 -9.90 33.17
CA THR C 127 -4.47 -8.66 33.80
C THR C 127 -3.31 -7.69 33.93
N GLY C 128 -3.62 -6.40 34.09
CA GLY C 128 -2.53 -5.45 34.28
C GLY C 128 -2.79 -3.99 33.98
N LYS C 129 -1.97 -3.11 34.55
CA LYS C 129 -2.11 -1.67 34.30
C LYS C 129 -0.75 -1.11 33.83
N PHE C 130 -0.78 -0.29 32.78
CA PHE C 130 0.44 0.35 32.26
C PHE C 130 0.34 1.87 32.33
N LEU C 131 1.48 2.55 32.29
CA LEU C 131 1.45 3.99 32.29
C LEU C 131 2.06 4.41 30.97
N LEU C 132 1.28 5.13 30.18
CA LEU C 132 1.71 5.60 28.85
C LEU C 132 1.96 7.10 28.99
N ALA C 133 3.21 7.52 28.81
CA ALA C 133 3.57 8.94 28.96
C ALA C 133 4.20 9.61 27.77
N TYR C 134 3.85 10.87 27.60
CA TYR C 134 4.40 11.68 26.55
C TYR C 134 5.04 12.89 27.24
N ALA C 135 6.30 13.13 26.90
CA ALA C 135 7.06 14.23 27.45
C ALA C 135 7.38 15.27 26.40
N PRO C 136 6.91 16.52 26.55
CA PRO C 136 7.26 17.51 25.52
C PRO C 136 8.79 17.73 25.63
N PRO C 137 9.42 18.23 24.55
CA PRO C 137 10.87 18.47 24.54
C PRO C 137 11.44 19.35 25.63
N GLY C 138 12.78 19.39 25.71
CA GLY C 138 13.43 20.22 26.70
C GLY C 138 14.23 19.49 27.77
N ALA C 139 14.02 18.20 27.89
CA ALA C 139 14.74 17.41 28.88
C ALA C 139 15.03 16.09 28.22
N ASN C 140 15.84 15.26 28.84
CA ASN C 140 16.07 13.97 28.22
C ASN C 140 14.96 13.06 28.61
N ALA C 141 14.85 11.96 27.88
CA ALA C 141 13.79 10.98 28.10
C ALA C 141 13.70 10.54 29.55
N PRO C 142 12.47 10.47 30.11
CA PRO C 142 12.37 10.05 31.49
C PRO C 142 13.11 8.74 31.65
N LYS C 143 13.84 8.59 32.75
CA LYS C 143 14.57 7.35 32.98
C LYS C 143 13.91 6.44 34.04
N SER C 144 12.75 6.84 34.56
CA SER C 144 12.04 6.08 35.56
C SER C 144 10.56 6.39 35.49
N ARG C 145 9.72 5.55 36.09
CA ARG C 145 8.31 5.86 36.03
C ARG C 145 8.05 7.20 36.76
N LYS C 146 8.80 7.48 37.83
CA LYS C 146 8.63 8.72 38.61
C LYS C 146 8.73 9.90 37.66
N ASP C 147 9.79 9.94 36.88
CA ASP C 147 9.98 11.04 35.95
C ASP C 147 8.97 11.10 34.81
N ALA C 148 8.52 9.94 34.39
CA ALA C 148 7.62 9.92 33.28
C ALA C 148 6.23 10.39 33.66
N MET C 149 5.80 10.07 34.86
CA MET C 149 4.45 10.46 35.22
C MET C 149 4.28 11.95 35.45
N LEU C 150 5.38 12.71 35.38
CA LEU C 150 5.27 14.16 35.56
C LEU C 150 4.81 14.85 34.29
N GLY C 151 4.77 14.10 33.19
CA GLY C 151 4.31 14.62 31.91
C GLY C 151 2.90 14.15 31.55
N THR C 152 2.50 14.31 30.29
CA THR C 152 1.17 13.92 29.84
C THR C 152 1.10 12.41 29.84
N HIS C 153 0.04 11.82 30.41
CA HIS C 153 -0.07 10.36 30.46
C HIS C 153 -1.45 9.79 30.77
N ILE C 154 -1.69 8.53 30.42
CA ILE C 154 -2.94 7.81 30.76
C ILE C 154 -2.45 6.56 31.48
N ILE C 155 -3.30 6.04 32.34
CA ILE C 155 -3.00 4.83 33.04
C ILE C 155 -4.03 3.95 32.41
N TRP C 156 -3.54 2.91 31.76
CA TRP C 156 -4.35 1.95 31.02
C TRP C 156 -4.64 0.70 31.79
N ASP C 157 -5.92 0.38 31.96
CA ASP C 157 -6.29 -0.84 32.68
C ASP C 157 -6.73 -1.90 31.69
N VAL C 158 -5.99 -3.01 31.59
CA VAL C 158 -6.37 -4.04 30.66
C VAL C 158 -7.72 -4.63 31.13
N GLY C 159 -8.65 -4.81 30.20
CA GLY C 159 -9.97 -5.30 30.54
C GLY C 159 -10.65 -5.75 29.24
N LEU C 160 -11.98 -5.73 29.23
CA LEU C 160 -12.75 -6.15 28.04
C LEU C 160 -12.45 -5.25 26.81
N GLN C 161 -12.20 -3.97 27.11
CA GLN C 161 -11.82 -2.95 26.13
C GLN C 161 -10.33 -3.26 25.96
N SER C 162 -10.02 -3.98 24.90
CA SER C 162 -8.66 -4.40 24.63
C SER C 162 -7.69 -3.26 24.30
N SER C 163 -8.21 -2.15 23.83
CA SER C 163 -7.39 -1.03 23.40
C SER C 163 -7.47 0.26 24.20
N CYS C 164 -6.37 1.01 24.22
CA CYS C 164 -6.31 2.28 24.93
C CYS C 164 -5.63 3.30 24.03
N VAL C 165 -6.15 4.53 24.02
CA VAL C 165 -5.63 5.59 23.18
C VAL C 165 -4.86 6.69 23.92
N LEU C 166 -3.59 6.84 23.56
CA LEU C 166 -2.77 7.91 24.13
C LEU C 166 -2.75 8.92 23.01
N CYS C 167 -3.31 10.08 23.27
CA CYS C 167 -3.36 11.12 22.28
C CYS C 167 -2.23 12.11 22.59
N ILE C 168 -1.40 12.43 21.59
CA ILE C 168 -0.30 13.36 21.77
C ILE C 168 -0.74 14.74 21.30
N PRO C 169 -1.16 15.60 22.25
CA PRO C 169 -1.62 16.94 21.87
C PRO C 169 -0.51 17.77 21.25
N TRP C 170 -0.87 18.64 20.33
CA TRP C 170 0.11 19.48 19.68
C TRP C 170 0.58 20.57 20.64
N ILE C 171 1.84 20.48 21.04
CA ILE C 171 2.45 21.46 21.94
C ILE C 171 3.74 21.85 21.23
N SER C 172 3.82 23.09 20.72
CA SER C 172 5.02 23.50 19.99
C SER C 172 5.20 25.01 20.00
N GLN C 173 6.44 25.49 19.89
CA GLN C 173 6.59 26.94 19.87
C GLN C 173 6.04 27.45 18.54
N THR C 174 6.28 26.68 17.47
CA THR C 174 5.81 27.03 16.13
C THR C 174 4.53 26.29 15.71
N HIS C 175 3.81 26.86 14.72
CA HIS C 175 2.59 26.26 14.22
C HIS C 175 2.89 24.99 13.44
N TYR C 176 4.12 24.89 12.95
CA TYR C 176 4.52 23.73 12.16
C TYR C 176 5.89 23.17 12.52
N ARG C 177 6.14 21.91 12.19
CA ARG C 177 7.43 21.31 12.47
C ARG C 177 7.93 20.75 11.13
N LEU C 178 9.26 20.64 10.94
CA LEU C 178 9.79 20.06 9.69
C LEU C 178 9.51 18.54 9.69
N VAL C 179 9.13 17.93 8.55
CA VAL C 179 8.91 16.46 8.57
C VAL C 179 10.29 15.85 8.73
N GLN C 180 11.24 16.54 8.13
CA GLN C 180 12.65 16.22 8.26
C GLN C 180 13.05 16.93 9.58
N GLN C 181 12.52 16.47 10.71
CA GLN C 181 12.76 17.12 12.01
C GLN C 181 14.19 17.38 12.49
N ASP C 182 14.39 18.54 13.11
CA ASP C 182 15.67 18.92 13.70
C ASP C 182 15.41 19.22 15.17
N GLU C 183 16.46 19.60 15.90
CA GLU C 183 16.28 19.83 17.32
C GLU C 183 15.38 21.04 17.53
N TYR C 184 15.50 22.04 16.65
CA TYR C 184 14.67 23.21 16.77
C TYR C 184 13.16 22.87 16.74
N THR C 185 12.78 21.86 15.96
CA THR C 185 11.38 21.46 15.88
C THR C 185 11.13 20.10 16.58
N SER C 186 11.85 19.89 17.66
CA SER C 186 11.73 18.68 18.45
C SER C 186 10.29 18.49 18.95
N ALA C 187 9.85 17.25 19.12
CA ALA C 187 8.49 17.08 19.62
C ALA C 187 8.40 16.23 20.89
N GLY C 188 9.53 15.80 21.40
CA GLY C 188 9.50 14.98 22.60
C GLY C 188 9.42 13.46 22.38
N ASN C 189 9.15 12.71 23.43
CA ASN C 189 9.09 11.25 23.37
C ASN C 189 7.91 10.65 24.14
N VAL C 190 7.62 9.38 23.87
CA VAL C 190 6.59 8.71 24.63
C VAL C 190 7.29 7.45 25.13
N THR C 191 7.04 7.12 26.39
CA THR C 191 7.65 5.96 27.02
C THR C 191 6.51 5.23 27.72
N CYS C 192 6.72 3.95 28.01
CA CYS C 192 5.67 3.16 28.64
C CYS C 192 6.23 2.36 29.81
N TRP C 193 5.48 2.27 30.91
CA TRP C 193 5.95 1.56 32.11
C TRP C 193 4.89 0.70 32.77
N TYR C 194 5.31 -0.33 33.49
CA TYR C 194 4.36 -1.13 34.22
C TYR C 194 3.87 -0.23 35.34
N GLN C 195 2.54 -0.08 35.49
CA GLN C 195 2.00 0.76 36.56
C GLN C 195 1.78 -0.14 37.74
N THR C 196 1.61 -1.42 37.44
CA THR C 196 1.27 -2.36 38.45
C THR C 196 1.40 -3.70 37.81
N GLY C 197 2.58 -4.18 37.47
CA GLY C 197 2.62 -5.50 36.77
C GLY C 197 1.51 -6.38 36.05
N ILE C 198 1.92 -7.40 35.28
CA ILE C 198 0.96 -8.29 34.62
C ILE C 198 0.75 -9.53 35.46
N VAL C 199 -0.47 -9.71 35.94
CA VAL C 199 -0.78 -10.88 36.77
C VAL C 199 -1.59 -11.90 35.97
N VAL C 200 -1.36 -13.18 36.24
CA VAL C 200 -2.03 -14.19 35.44
C VAL C 200 -2.32 -15.46 36.22
N PRO C 201 -3.41 -16.16 35.89
CA PRO C 201 -3.72 -17.39 36.63
C PRO C 201 -2.91 -18.54 36.06
N ALA C 202 -2.97 -19.67 36.73
CA ALA C 202 -2.22 -20.82 36.25
C ALA C 202 -2.79 -21.34 34.96
N GLY C 203 -1.95 -21.93 34.11
CA GLY C 203 -2.40 -22.48 32.86
C GLY C 203 -2.47 -21.51 31.72
N THR C 204 -1.95 -20.31 31.93
CA THR C 204 -1.98 -19.36 30.86
C THR C 204 -0.54 -18.91 30.64
N PRO C 205 -0.23 -18.48 29.41
CA PRO C 205 1.10 -17.99 29.02
C PRO C 205 1.48 -16.83 29.91
N THR C 206 2.75 -16.78 30.32
CA THR C 206 3.22 -15.70 31.20
C THR C 206 3.80 -14.49 30.49
N SER C 207 3.69 -14.45 29.17
CA SER C 207 4.19 -13.30 28.41
C SER C 207 3.34 -13.10 27.16
N CYS C 208 3.10 -11.85 26.79
CA CYS C 208 2.29 -11.58 25.62
C CYS C 208 2.76 -10.36 24.91
N SER C 209 2.00 -9.99 23.88
CA SER C 209 2.40 -8.86 23.08
C SER C 209 1.35 -7.77 23.09
N ILE C 210 1.83 -6.53 22.98
CA ILE C 210 1.00 -5.34 22.91
C ILE C 210 1.32 -4.76 21.53
N MET C 211 0.32 -4.36 20.76
CA MET C 211 0.62 -3.76 19.46
C MET C 211 0.31 -2.28 19.55
N CYS C 212 0.88 -1.49 18.66
CA CYS C 212 0.70 -0.03 18.66
C CYS C 212 0.34 0.49 17.26
N PHE C 213 -0.77 1.24 17.19
CA PHE C 213 -1.26 1.82 15.95
C PHE C 213 -1.14 3.35 16.02
N VAL C 214 -0.87 3.99 14.88
CA VAL C 214 -0.77 5.44 14.86
C VAL C 214 -1.71 6.02 13.80
N SER C 215 -2.21 7.22 14.07
CA SER C 215 -3.06 7.91 13.12
C SER C 215 -3.18 9.38 13.49
N ALA C 216 -3.50 10.18 12.48
CA ALA C 216 -3.62 11.60 12.73
C ALA C 216 -5.00 11.99 13.28
N CYS C 217 -5.01 13.00 14.14
CA CYS C 217 -6.26 13.53 14.70
C CYS C 217 -6.81 14.54 13.68
N ASN C 218 -7.95 15.13 14.00
CA ASN C 218 -8.56 16.06 13.05
C ASN C 218 -8.01 17.49 13.03
N ASP C 219 -6.91 17.75 13.71
CA ASP C 219 -6.34 19.10 13.70
C ASP C 219 -5.03 19.06 12.90
N PHE C 220 -4.80 17.91 12.26
CA PHE C 220 -3.59 17.60 11.50
C PHE C 220 -3.59 18.06 10.05
N SER C 221 -2.49 18.67 9.60
CA SER C 221 -2.38 19.09 8.20
C SER C 221 -0.90 19.06 7.80
N VAL C 222 -0.63 19.16 6.50
CA VAL C 222 0.75 19.16 6.02
C VAL C 222 0.90 20.20 4.92
N ARG C 223 2.13 20.70 4.72
CA ARG C 223 2.37 21.69 3.67
C ARG C 223 3.69 21.52 2.96
N LEU C 224 3.79 22.27 1.86
CA LEU C 224 5.00 22.32 1.07
C LEU C 224 5.41 20.97 0.47
N LEU C 225 4.79 20.65 -0.68
CA LEU C 225 5.05 19.43 -1.44
C LEU C 225 6.54 19.30 -1.83
N LYS C 226 7.06 18.05 -1.80
CA LYS C 226 8.44 17.70 -2.18
C LYS C 226 8.45 16.19 -2.51
N ASP C 227 9.53 15.70 -3.15
CA ASP C 227 9.60 14.29 -3.49
C ASP C 227 9.99 13.40 -2.30
N THR C 228 9.64 12.11 -2.36
CA THR C 228 9.99 11.22 -1.24
C THR C 228 11.36 10.71 -1.41
N PRO C 229 12.03 10.53 -0.30
CA PRO C 229 13.41 10.03 -0.20
C PRO C 229 13.34 8.53 -0.47
N PHE C 230 12.20 7.95 -0.15
CA PHE C 230 12.00 6.52 -0.27
C PHE C 230 11.98 5.76 -1.60
N ILE C 231 11.91 6.41 -2.74
CA ILE C 231 11.83 5.63 -3.96
C ILE C 231 12.90 6.13 -4.91
N GLN C 232 13.54 5.21 -5.64
CA GLN C 232 14.54 5.64 -6.63
C GLN C 232 14.86 4.63 -7.68
N GLN C 233 15.69 5.07 -8.63
CA GLN C 233 16.08 4.18 -9.72
C GLN C 233 17.39 4.54 -10.32
N ALA C 234 18.01 3.52 -10.91
CA ALA C 234 19.29 3.72 -11.56
C ALA C 234 19.13 3.90 -13.07
N ALA C 235 18.01 3.45 -13.63
CA ALA C 235 17.77 3.58 -15.08
C ALA C 235 16.30 3.43 -15.45
N LEU C 236 15.97 3.70 -16.71
CA LEU C 236 14.60 3.60 -17.20
C LEU C 236 14.03 2.15 -17.17
N LEU C 237 13.00 1.84 -18.02
CA LEU C 237 12.22 0.56 -18.12
C LEU C 237 12.05 0.26 -16.68
N GLN C 238 12.04 1.36 -15.90
CA GLN C 238 11.93 1.51 -14.43
C GLN C 238 11.62 0.30 -13.61
N GLY D 2 -17.87 35.82 -21.31
CA GLY D 2 -18.75 35.33 -20.20
C GLY D 2 -17.77 34.70 -19.23
N ALA D 3 -17.27 35.55 -18.34
CA ALA D 3 -16.26 35.17 -17.37
C ALA D 3 -16.66 34.86 -15.92
N GLN D 4 -15.72 34.29 -15.17
CA GLN D 4 -15.96 33.93 -13.77
C GLN D 4 -14.94 34.56 -12.85
N VAL D 5 -15.45 35.07 -11.74
CA VAL D 5 -14.62 35.68 -10.74
C VAL D 5 -14.79 34.87 -9.46
N SER D 6 -13.66 34.48 -8.88
CA SER D 6 -13.71 33.75 -7.62
C SER D 6 -12.52 34.24 -6.82
N THR D 7 -12.44 33.85 -5.55
CA THR D 7 -11.37 34.34 -4.68
C THR D 7 -10.04 33.62 -4.77
N GLN D 8 -8.99 34.35 -4.41
CA GLN D 8 -7.64 33.83 -4.42
C GLN D 8 -7.34 33.14 -3.10
N LYS D 9 -6.33 32.26 -3.07
CA LYS D 9 -5.94 31.61 -1.82
C LYS D 9 -5.25 32.74 -1.06
N THR D 10 -5.63 32.91 0.19
CA THR D 10 -5.05 33.97 0.97
C THR D 10 -3.55 33.82 1.35
N GLY D 11 -2.78 34.91 1.17
CA GLY D 11 -1.35 34.96 1.45
C GLY D 11 -0.91 35.94 2.56
N ALA D 12 0.42 36.20 2.66
CA ALA D 12 1.08 37.07 3.67
C ALA D 12 0.40 38.20 4.51
N HIS D 13 -0.89 38.05 4.89
CA HIS D 13 -1.67 39.01 5.76
C HIS D 13 -3.06 38.49 6.32
N GLU D 14 -3.33 38.81 7.62
CA GLU D 14 -4.55 38.43 8.39
C GLU D 14 -5.86 39.00 7.84
N SER D 23 -11.45 42.21 -1.26
CA SER D 23 -11.76 42.88 -2.58
C SER D 23 -10.70 42.67 -3.71
N ILE D 24 -9.42 42.91 -3.42
CA ILE D 24 -8.36 42.71 -4.41
C ILE D 24 -7.82 41.29 -4.15
N ILE D 25 -8.58 40.53 -3.36
CA ILE D 25 -8.19 39.18 -3.10
C ILE D 25 -8.97 38.23 -3.97
N HIS D 26 -9.19 38.62 -5.23
CA HIS D 26 -9.73 37.69 -6.21
C HIS D 26 -9.28 37.87 -7.64
N TYR D 27 -9.52 36.85 -8.44
CA TYR D 27 -9.05 36.83 -9.81
C TYR D 27 -10.14 36.52 -10.80
N THR D 28 -9.89 36.82 -12.07
CA THR D 28 -10.92 36.54 -13.02
C THR D 28 -10.39 35.53 -14.04
N ASN D 29 -11.26 34.67 -14.56
CA ASN D 29 -10.85 33.69 -15.55
C ASN D 29 -11.86 33.56 -16.70
N ILE D 30 -11.36 33.30 -17.92
CA ILE D 30 -12.22 33.08 -19.10
C ILE D 30 -11.61 31.84 -19.78
N ASN D 31 -12.49 30.93 -20.22
CA ASN D 31 -12.04 29.71 -20.90
C ASN D 31 -12.03 29.97 -22.39
N TYR D 32 -10.91 29.66 -23.03
CA TYR D 32 -10.80 29.94 -24.44
C TYR D 32 -10.95 28.73 -25.33
N TYR D 33 -11.04 27.53 -24.74
CA TYR D 33 -11.10 26.28 -25.53
C TYR D 33 -12.43 25.55 -25.55
N LYS D 34 -12.64 24.73 -26.59
CA LYS D 34 -13.93 24.06 -26.70
C LYS D 34 -14.10 22.79 -25.90
N ASP D 35 -13.02 22.28 -25.29
CA ASP D 35 -13.06 21.04 -24.51
C ASP D 35 -12.74 21.24 -23.04
N ALA D 36 -13.49 20.61 -22.16
CA ALA D 36 -13.21 20.77 -20.73
C ALA D 36 -11.78 20.32 -20.38
N ALA D 37 -11.24 19.39 -21.16
CA ALA D 37 -9.90 18.91 -20.89
C ALA D 37 -8.87 20.04 -20.93
N SER D 38 -9.15 21.04 -21.76
CA SER D 38 -8.22 22.14 -21.88
C SER D 38 -8.20 23.03 -20.64
N ASN D 39 -9.24 22.98 -19.81
CA ASN D 39 -9.24 23.87 -18.64
C ASN D 39 -8.12 23.62 -17.65
N SER D 40 -7.87 24.62 -16.78
CA SER D 40 -6.85 24.49 -15.75
C SER D 40 -7.32 23.57 -14.62
N ALA D 41 -6.44 23.25 -13.68
CA ALA D 41 -6.77 22.32 -12.60
C ALA D 41 -7.77 22.88 -11.56
N ASN D 42 -8.46 21.99 -10.83
CA ASN D 42 -9.41 22.39 -9.76
C ASN D 42 -8.66 22.36 -8.49
N ARG D 43 -7.80 23.35 -8.30
CA ARG D 43 -6.98 23.38 -7.11
C ARG D 43 -7.74 24.00 -5.95
N GLN D 44 -8.96 24.45 -6.20
CA GLN D 44 -9.68 25.09 -5.13
C GLN D 44 -10.79 24.31 -4.50
N ASP D 45 -11.01 23.09 -4.97
CA ASP D 45 -12.03 22.24 -4.38
C ASP D 45 -11.44 21.50 -3.16
N PHE D 46 -12.01 21.72 -1.96
CA PHE D 46 -11.49 21.05 -0.75
C PHE D 46 -12.50 20.23 0.09
N THR D 47 -13.14 19.22 -0.50
CA THR D 47 -14.08 18.39 0.27
C THR D 47 -13.28 17.36 1.08
N GLN D 48 -13.99 16.49 1.82
CA GLN D 48 -13.36 15.47 2.66
C GLN D 48 -14.37 14.53 3.32
N ASP D 49 -14.02 13.26 3.39
CA ASP D 49 -14.90 12.26 3.97
C ASP D 49 -14.05 11.11 4.51
N PRO D 50 -13.34 11.33 5.66
CA PRO D 50 -12.49 10.29 6.23
C PRO D 50 -13.26 9.01 6.53
N GLY D 51 -14.51 9.18 6.94
CA GLY D 51 -15.37 8.05 7.28
C GLY D 51 -15.28 6.78 6.44
N LYS D 52 -15.27 6.90 5.10
CA LYS D 52 -15.19 5.72 4.22
C LYS D 52 -14.13 4.76 4.75
N PHE D 53 -13.06 5.35 5.27
CA PHE D 53 -11.94 4.58 5.72
C PHE D 53 -11.74 4.44 7.24
N THR D 54 -11.86 5.54 7.99
CA THR D 54 -11.66 5.50 9.44
C THR D 54 -13.00 5.36 10.14
N GLU D 55 -13.64 4.20 10.10
CA GLU D 55 -14.96 4.03 10.72
C GLU D 55 -16.02 3.39 9.77
N PRO D 56 -15.62 2.42 8.92
CA PRO D 56 -16.57 1.77 7.99
C PRO D 56 -17.35 0.62 8.68
N VAL D 57 -17.80 0.85 9.91
CA VAL D 57 -18.53 -0.13 10.72
C VAL D 57 -20.04 0.15 10.71
N LYS D 58 -20.90 -0.86 10.45
CA LYS D 58 -22.37 -0.65 10.49
C LYS D 58 -22.52 -0.73 11.97
N ASP D 59 -23.55 -0.13 12.55
CA ASP D 59 -23.66 -0.09 14.03
C ASP D 59 -22.69 1.04 14.50
N ILE D 60 -23.22 2.25 14.59
CA ILE D 60 -22.49 3.47 14.99
C ILE D 60 -21.74 3.38 16.34
N MET D 61 -20.41 3.52 16.30
CA MET D 61 -19.60 3.48 17.52
C MET D 61 -19.49 4.89 18.14
N VAL D 62 -20.24 5.10 19.22
CA VAL D 62 -20.30 6.38 19.94
C VAL D 62 -19.00 6.78 20.66
N LYS D 63 -18.14 5.80 20.91
CA LYS D 63 -16.84 6.00 21.60
C LYS D 63 -16.74 7.24 22.54
N SER D 64 -17.16 6.92 23.76
CA SER D 64 -17.24 7.68 25.01
C SER D 64 -17.95 6.58 25.87
N LEU D 65 -18.45 5.55 25.15
CA LEU D 65 -19.12 4.34 25.69
C LEU D 65 -18.13 3.16 25.53
N PRO D 66 -18.41 2.01 26.17
CA PRO D 66 -17.41 0.95 25.98
C PRO D 66 -16.91 0.46 24.57
N ALA D 67 -17.79 0.26 23.57
CA ALA D 67 -17.39 -0.26 22.22
C ALA D 67 -17.58 -1.79 22.14
N LEU D 68 -17.79 -2.41 23.30
CA LEU D 68 -18.07 -3.85 23.43
C LEU D 68 -19.13 -4.03 24.51
N ASN D 69 -18.88 -4.84 25.54
CA ASN D 69 -19.87 -5.08 26.63
C ASN D 69 -21.02 -6.06 26.22
N LYS E 5 -5.75 -39.58 -17.84
CA LYS E 5 -6.34 -38.23 -17.96
C LYS E 5 -5.50 -37.23 -17.19
N SER E 6 -5.97 -36.82 -16.00
CA SER E 6 -5.20 -35.87 -15.21
C SER E 6 -4.66 -36.41 -13.88
N CYS E 7 -3.53 -35.83 -13.48
CA CYS E 7 -2.89 -36.21 -12.23
C CYS E 7 -3.58 -35.44 -11.15
N PRO E 8 -3.49 -35.93 -9.92
CA PRO E 8 -4.11 -35.26 -8.79
C PRO E 8 -3.47 -33.90 -8.54
N ASN E 9 -4.20 -33.05 -7.84
CA ASN E 9 -3.69 -31.73 -7.53
C ASN E 9 -2.31 -31.85 -6.90
N PRO E 10 -1.31 -31.14 -7.45
CA PRO E 10 0.06 -31.17 -6.93
C PRO E 10 0.19 -30.90 -5.44
N GLY E 11 -0.61 -29.98 -4.91
CA GLY E 11 -0.53 -29.68 -3.49
C GLY E 11 0.33 -28.45 -3.20
N GLU E 12 1.01 -28.41 -2.07
CA GLU E 12 1.85 -27.27 -1.78
C GLU E 12 3.12 -27.63 -1.03
N ILE E 13 4.19 -26.89 -1.28
CA ILE E 13 5.46 -27.16 -0.62
C ILE E 13 5.64 -26.11 0.47
N ARG E 14 5.79 -26.51 1.73
CA ARG E 14 5.98 -25.50 2.79
C ARG E 14 7.32 -24.78 2.55
N ASN E 15 7.30 -23.44 2.53
CA ASN E 15 8.48 -22.62 2.29
C ASN E 15 8.99 -22.81 0.86
N GLY E 16 8.08 -23.24 0.00
CA GLY E 16 8.42 -23.46 -1.42
C GLY E 16 7.33 -23.09 -2.42
N GLN E 17 7.59 -23.38 -3.69
CA GLN E 17 6.70 -23.01 -4.80
C GLN E 17 6.56 -24.16 -5.79
N ILE E 18 5.38 -24.30 -6.40
CA ILE E 18 5.17 -25.31 -7.45
C ILE E 18 4.78 -24.55 -8.73
N ASP E 19 5.54 -24.75 -9.80
CA ASP E 19 5.24 -24.09 -11.08
C ASP E 19 4.52 -25.11 -11.94
N VAL E 20 3.38 -24.70 -12.51
CA VAL E 20 2.57 -25.55 -13.35
C VAL E 20 2.29 -24.77 -14.64
N PRO E 21 3.25 -24.77 -15.56
CA PRO E 21 3.05 -24.03 -16.81
C PRO E 21 2.16 -24.76 -17.80
N GLY E 22 2.22 -26.09 -17.81
CA GLY E 22 1.45 -26.85 -18.78
C GLY E 22 0.37 -27.81 -18.33
N GLY E 23 -0.50 -27.33 -17.44
CA GLY E 23 -1.60 -28.14 -16.93
C GLY E 23 -1.15 -29.36 -16.13
N ILE E 24 -2.10 -30.23 -15.75
CA ILE E 24 -1.75 -31.43 -15.00
C ILE E 24 -2.25 -32.73 -15.63
N LEU E 25 -2.35 -32.74 -16.97
CA LEU E 25 -2.77 -33.93 -17.70
C LEU E 25 -1.55 -34.76 -17.96
N PHE E 26 -1.77 -35.98 -18.44
CA PHE E 26 -0.70 -36.90 -18.75
C PHE E 26 0.31 -36.24 -19.64
N GLY E 27 1.57 -36.40 -19.29
CA GLY E 27 2.64 -35.80 -20.07
C GLY E 27 3.12 -34.48 -19.53
N ALA E 28 2.32 -33.87 -18.66
CA ALA E 28 2.69 -32.58 -18.03
C ALA E 28 3.84 -32.74 -17.04
N THR E 29 4.68 -31.71 -16.97
CA THR E 29 5.79 -31.65 -16.02
C THR E 29 5.55 -30.45 -15.14
N ILE E 30 5.77 -30.60 -13.82
CA ILE E 30 5.63 -29.46 -12.92
C ILE E 30 6.97 -29.26 -12.27
N SER E 31 7.27 -28.04 -11.84
CA SER E 31 8.58 -27.74 -11.31
C SER E 31 8.50 -27.18 -9.90
N PHE E 32 9.46 -27.60 -9.08
CA PHE E 32 9.52 -27.17 -7.65
C PHE E 32 10.74 -26.29 -7.35
N SER E 33 10.57 -25.33 -6.43
CA SER E 33 11.66 -24.47 -6.02
C SER E 33 11.41 -24.13 -4.55
N CYS E 34 12.46 -23.71 -3.84
CA CYS E 34 12.28 -23.28 -2.46
C CYS E 34 12.35 -21.77 -2.38
N ASN E 35 11.76 -21.22 -1.33
CA ASN E 35 11.84 -19.76 -1.13
C ASN E 35 13.25 -19.36 -0.77
N THR E 36 13.63 -18.09 -1.02
CA THR E 36 14.99 -17.66 -0.63
C THR E 36 15.25 -17.90 0.85
N GLY E 37 16.41 -18.49 1.12
CA GLY E 37 16.77 -18.80 2.49
C GLY E 37 16.50 -20.26 2.84
N TYR E 38 15.91 -21.00 1.90
CA TYR E 38 15.60 -22.43 2.06
C TYR E 38 16.27 -23.19 0.93
N LYS E 39 16.66 -24.41 1.23
CA LYS E 39 17.32 -25.29 0.29
C LYS E 39 16.45 -26.49 0.00
N LEU E 40 16.44 -26.92 -1.27
CA LEU E 40 15.59 -28.03 -1.72
C LEU E 40 16.19 -29.39 -1.50
N PHE E 41 15.45 -30.25 -0.81
CA PHE E 41 15.91 -31.63 -0.61
C PHE E 41 14.89 -32.53 -1.29
N GLY E 42 15.31 -33.30 -2.28
CA GLY E 42 14.41 -34.15 -3.01
C GLY E 42 14.41 -33.77 -4.51
N SER E 43 13.37 -34.13 -5.22
CA SER E 43 13.26 -33.85 -6.64
C SER E 43 12.87 -32.41 -6.93
N THR E 44 13.25 -31.90 -8.11
CA THR E 44 12.85 -30.52 -8.44
C THR E 44 11.79 -30.50 -9.53
N SER E 45 11.35 -31.67 -9.96
CA SER E 45 10.30 -31.70 -10.95
C SER E 45 9.54 -33.03 -10.87
N SER E 46 8.35 -33.06 -11.45
CA SER E 46 7.56 -34.29 -11.41
C SER E 46 6.81 -34.36 -12.74
N PHE E 47 6.62 -35.57 -13.24
CA PHE E 47 5.98 -35.79 -14.55
C PHE E 47 4.68 -36.59 -14.34
N CYS E 48 3.64 -36.24 -15.07
CA CYS E 48 2.36 -36.91 -14.88
C CYS E 48 2.30 -38.11 -15.77
N LEU E 49 2.36 -39.31 -15.20
CA LEU E 49 2.31 -40.46 -16.06
C LEU E 49 1.19 -41.47 -15.80
N ILE E 50 0.99 -42.36 -16.77
CA ILE E 50 -0.05 -43.38 -16.65
C ILE E 50 0.66 -44.67 -16.27
N SER E 51 0.21 -45.34 -15.23
CA SER E 51 0.83 -46.56 -14.76
C SER E 51 -0.30 -47.52 -14.44
N GLY E 52 -0.51 -48.50 -15.30
CA GLY E 52 -1.64 -49.40 -15.06
C GLY E 52 -2.89 -48.54 -15.17
N SER E 53 -3.80 -48.60 -14.20
CA SER E 53 -5.01 -47.80 -14.29
C SER E 53 -4.87 -46.50 -13.53
N SER E 54 -3.66 -46.13 -13.13
CA SER E 54 -3.65 -44.88 -12.41
C SER E 54 -2.86 -43.83 -13.13
N VAL E 55 -3.31 -42.59 -12.98
CA VAL E 55 -2.60 -41.47 -13.57
C VAL E 55 -1.95 -40.90 -12.32
N GLN E 56 -0.62 -40.79 -12.31
CA GLN E 56 0.03 -40.37 -11.07
C GLN E 56 1.32 -39.62 -11.33
N TRP E 57 1.76 -38.87 -10.31
CA TRP E 57 2.99 -38.13 -10.45
C TRP E 57 4.21 -39.05 -10.37
N SER E 58 5.25 -38.79 -11.17
CA SER E 58 6.45 -39.59 -11.12
C SER E 58 7.26 -39.38 -9.86
N ASP E 59 7.24 -38.14 -9.33
CA ASP E 59 8.06 -37.78 -8.19
C ASP E 59 7.26 -37.04 -7.10
N PRO E 60 7.59 -37.30 -5.83
CA PRO E 60 6.88 -36.65 -4.73
C PRO E 60 7.35 -35.23 -4.48
N LEU E 61 6.64 -34.50 -3.64
CA LEU E 61 7.10 -33.13 -3.36
C LEU E 61 8.36 -33.16 -2.50
N PRO E 62 9.30 -32.25 -2.75
CA PRO E 62 10.52 -32.20 -1.97
C PRO E 62 10.23 -31.44 -0.67
N GLU E 63 11.28 -31.31 0.12
CA GLU E 63 11.26 -30.55 1.38
C GLU E 63 12.13 -29.30 1.20
N CYS E 64 11.68 -28.16 1.71
CA CYS E 64 12.49 -26.95 1.66
C CYS E 64 12.94 -26.75 3.08
N ARG E 65 14.24 -26.74 3.31
CA ARG E 65 14.75 -26.62 4.69
C ARG E 65 15.56 -25.36 4.90
N GLU E 66 15.46 -24.81 6.10
CA GLU E 66 16.13 -23.57 6.40
C GLU E 66 17.63 -23.67 6.31
N ILE E 67 18.44 -23.34 8.74
CA ILE E 67 19.87 -23.19 8.56
C ILE E 67 20.40 -22.36 9.72
N TYR E 68 21.51 -22.79 10.31
CA TYR E 68 22.14 -22.02 11.37
C TYR E 68 23.54 -21.61 10.95
N CYS E 69 23.90 -20.38 11.26
CA CYS E 69 25.25 -19.93 11.04
C CYS E 69 26.13 -20.62 12.08
N PRO E 70 27.43 -20.62 11.85
CA PRO E 70 28.32 -21.25 12.82
C PRO E 70 28.48 -20.30 14.03
N ALA E 71 29.22 -20.73 15.06
CA ALA E 71 29.42 -19.85 16.21
C ALA E 71 30.14 -18.63 15.65
N PRO E 72 29.78 -17.44 16.13
CA PRO E 72 30.39 -16.18 15.66
C PRO E 72 31.87 -16.06 16.01
N PRO E 73 32.62 -15.31 15.21
CA PRO E 73 34.04 -15.17 15.53
C PRO E 73 34.26 -14.40 16.84
N GLN E 74 35.36 -14.71 17.51
CA GLN E 74 35.69 -13.96 18.70
C GLN E 74 36.55 -12.83 18.15
N ILE E 75 36.61 -11.73 18.88
CA ILE E 75 37.48 -10.65 18.48
C ILE E 75 38.47 -10.42 19.61
N ASP E 76 39.69 -10.04 19.26
CA ASP E 76 40.62 -9.80 20.33
C ASP E 76 40.24 -8.56 21.10
N ASN E 77 40.31 -8.72 22.43
CA ASN E 77 40.02 -7.64 23.34
C ASN E 77 38.65 -7.05 23.32
N GLY E 78 37.69 -7.85 22.88
CA GLY E 78 36.30 -7.43 22.91
C GLY E 78 35.47 -8.62 23.40
N ILE E 79 34.16 -8.46 23.42
CA ILE E 79 33.30 -9.57 23.87
C ILE E 79 32.07 -9.65 23.00
N ILE E 80 31.51 -10.84 22.85
CA ILE E 80 30.28 -10.98 22.09
C ILE E 80 29.18 -10.77 23.10
N GLN E 81 28.27 -9.85 22.81
CA GLN E 81 27.22 -9.53 23.74
C GLN E 81 26.19 -10.62 23.75
N GLY E 82 25.93 -11.17 24.93
CA GLY E 82 24.90 -12.19 25.01
C GLY E 82 25.02 -13.39 24.08
N GLU E 83 26.22 -13.96 24.02
CA GLU E 83 26.46 -15.09 23.13
C GLU E 83 25.60 -16.31 23.43
N ARG E 84 25.06 -16.91 22.39
CA ARG E 84 24.20 -18.10 22.59
C ARG E 84 24.31 -19.03 21.39
N ASP E 85 23.42 -20.02 21.28
CA ASP E 85 23.50 -20.93 20.14
C ASP E 85 22.38 -20.63 19.16
N HIS E 86 22.36 -21.38 18.05
CA HIS E 86 21.34 -21.31 17.04
C HIS E 86 21.04 -19.96 16.43
N TYR E 87 22.04 -19.38 15.81
CA TYR E 87 21.86 -18.10 15.12
C TYR E 87 21.31 -18.45 13.74
N GLY E 88 20.04 -18.16 13.55
CA GLY E 88 19.40 -18.44 12.28
C GLY E 88 19.44 -17.27 11.32
N TYR E 89 18.86 -17.48 10.15
CA TYR E 89 18.92 -16.43 9.12
C TYR E 89 18.39 -15.07 9.57
N ARG E 90 19.17 -14.01 9.33
CA ARG E 90 18.78 -12.65 9.68
C ARG E 90 19.05 -12.25 11.14
N GLN E 91 19.39 -13.21 11.99
CA GLN E 91 19.72 -12.83 13.37
C GLN E 91 21.08 -12.18 13.41
N SER E 92 21.32 -11.36 14.41
CA SER E 92 22.59 -10.69 14.46
C SER E 92 23.36 -10.94 15.76
N VAL E 93 24.67 -10.68 15.69
CA VAL E 93 25.56 -10.80 16.86
C VAL E 93 26.20 -9.43 17.01
N THR E 94 26.25 -8.91 18.22
CA THR E 94 26.89 -7.62 18.42
C THR E 94 28.06 -7.79 19.38
N TYR E 95 29.01 -6.89 19.21
CA TYR E 95 30.25 -6.89 19.98
C TYR E 95 30.47 -5.58 20.71
N ALA E 96 31.26 -5.66 21.75
CA ALA E 96 31.66 -4.46 22.49
C ALA E 96 33.15 -4.64 22.80
N CYS E 97 33.91 -3.54 22.92
CA CYS E 97 35.32 -3.74 23.30
C CYS E 97 35.48 -3.70 24.80
N ASN E 98 36.55 -4.32 25.29
CA ASN E 98 36.84 -4.31 26.71
C ASN E 98 37.38 -2.97 27.20
N LYS E 99 37.38 -2.78 28.51
CA LYS E 99 37.87 -1.53 29.09
C LYS E 99 39.30 -1.36 28.60
N GLY E 100 39.63 -0.15 28.13
CA GLY E 100 40.96 0.13 27.64
C GLY E 100 41.09 0.08 26.12
N PHE E 101 40.04 -0.35 25.45
CA PHE E 101 40.03 -0.49 23.98
C PHE E 101 38.88 0.27 23.29
N THR E 102 39.10 0.65 22.03
CA THR E 102 38.08 1.38 21.29
C THR E 102 37.76 0.61 20.03
N MET E 103 36.49 0.60 19.67
CA MET E 103 36.08 -0.18 18.51
C MET E 103 36.17 0.58 17.21
N ILE E 104 36.48 -0.15 16.14
CA ILE E 104 36.46 0.44 14.79
C ILE E 104 35.81 -0.65 13.93
N GLY E 105 34.92 -0.26 13.03
CA GLY E 105 34.24 -1.25 12.22
C GLY E 105 32.75 -1.32 12.60
N GLU E 106 32.05 -2.31 12.05
CA GLU E 106 30.61 -2.52 12.30
C GLU E 106 30.46 -3.17 13.68
N HIS E 107 29.58 -2.68 14.54
CA HIS E 107 29.47 -3.33 15.85
C HIS E 107 28.64 -4.61 15.76
N SER E 108 27.91 -4.80 14.66
CA SER E 108 27.11 -6.01 14.52
C SER E 108 27.24 -6.69 13.20
N ILE E 109 27.13 -8.03 13.23
CA ILE E 109 27.20 -8.86 12.02
C ILE E 109 25.91 -9.68 11.96
N TYR E 110 25.55 -10.16 10.77
CA TYR E 110 24.28 -10.88 10.62
C TYR E 110 24.48 -12.21 9.96
N CYS E 111 23.59 -13.15 10.28
CA CYS E 111 23.65 -14.48 9.71
C CYS E 111 22.96 -14.40 8.36
N THR E 112 23.69 -14.74 7.31
CA THR E 112 23.06 -14.76 5.99
C THR E 112 23.20 -16.13 5.35
N VAL E 113 22.67 -16.30 4.14
CA VAL E 113 22.77 -17.60 3.50
C VAL E 113 23.51 -17.41 2.20
N ASN E 114 24.50 -18.26 1.97
CA ASN E 114 25.27 -18.19 0.74
C ASN E 114 25.40 -19.61 0.20
N ASN E 115 24.81 -19.84 -0.98
CA ASN E 115 24.90 -21.16 -1.57
C ASN E 115 24.29 -22.23 -0.68
N ASP E 116 23.17 -21.91 -0.03
CA ASP E 116 22.51 -22.89 0.83
C ASP E 116 23.18 -23.07 2.18
N GLU E 117 24.27 -22.33 2.44
CA GLU E 117 24.95 -22.47 3.71
C GLU E 117 24.92 -21.18 4.52
N GLY E 118 24.76 -21.29 5.83
CA GLY E 118 24.74 -20.11 6.67
C GLY E 118 26.14 -19.51 6.87
N GLU E 119 26.29 -18.22 6.61
CA GLU E 119 27.57 -17.53 6.76
C GLU E 119 27.37 -16.12 7.35
N TRP E 120 28.29 -15.70 8.21
CA TRP E 120 28.21 -14.37 8.80
C TRP E 120 28.52 -13.27 7.76
N SER E 121 27.72 -12.22 7.80
CA SER E 121 27.84 -11.08 6.91
C SER E 121 29.21 -10.40 6.96
N GLY E 122 29.21 -9.07 6.89
CA GLY E 122 30.44 -8.29 6.92
C GLY E 122 31.51 -8.73 7.90
N PRO E 123 32.68 -8.06 7.88
CA PRO E 123 33.74 -8.45 8.81
C PRO E 123 33.49 -7.94 10.24
N PRO E 124 33.90 -8.73 11.23
CA PRO E 124 33.70 -8.30 12.60
C PRO E 124 34.59 -7.09 12.91
N PRO E 125 34.21 -6.31 13.92
CA PRO E 125 34.99 -5.14 14.28
C PRO E 125 36.28 -5.51 14.95
N GLU E 126 37.13 -4.51 15.12
CA GLU E 126 38.41 -4.69 15.80
C GLU E 126 38.42 -3.81 17.00
N CYS E 127 39.11 -4.23 18.05
CA CYS E 127 39.25 -3.41 19.26
C CYS E 127 40.71 -2.99 19.42
N ARG E 128 40.94 -1.69 19.55
CA ARG E 128 42.30 -1.17 19.64
C ARG E 128 42.60 -0.47 20.97
N GLY E 129 43.78 -0.74 21.53
CA GLY E 129 44.15 -0.14 22.80
C GLY E 129 45.03 1.09 22.63
#